data_6PQR
#
_entry.id   6PQR
#
_cell.length_a   1.00
_cell.length_b   1.00
_cell.length_c   1.00
_cell.angle_alpha   90.00
_cell.angle_beta   90.00
_cell.angle_gamma   90.00
#
_symmetry.space_group_name_H-M   'P 1'
#
loop_
_entity.id
_entity.type
_entity.pdbx_description
1 polymer 'DNA-mediated transposase'
2 polymer "DNA (5'-D(*CP*TP*AP*GP*AP*TP*CP*TP*CP*AP*CP*GP*GP*TP*GP*GP*AP*TP*CP*GP*AP*AP*AP*A)-3')"
3 polymer "DNA (5'-D(P*TP*TP*TP*TP*CP*GP*AP*TP*CP*CP*AP*CP*CP*GP*TP*GP*AP*GP*AP*TP*CP*TP*AP*G)-3')"
4 non-polymer 'MAGNESIUM ION'
5 non-polymer 'ZINC ION'
6 non-polymer 'POTASSIUM ION'
#
loop_
_entity_poly.entity_id
_entity_poly.type
_entity_poly.pdbx_seq_one_letter_code
_entity_poly.pdbx_strand_id
1 'polypeptide(L)'
;KPAPSTIFSPEKALGLLLSLKLSKWQYITLRETTIREGSKEIYPSYYKVQKAKLQCYPPKAFVAVTDSSAKIALQALLDL
TVNRIFETIRSPDAIQNKQLILISKWGFDGASNQSRYKQNIESGQGDSSIFMTSLVPLKLTADGDTVWVNPKPCSPMYCR
PVQFSFVKETKDVVINEKTAMDDEIEALVPSKCQGHEISHKLMMTMIDGKICTYLSEAKSNAACYLCLAKPTEMSKLDVI
ASKTISSGVYEFGLSTLHARINVMECLLHIAYRLDFKKWSARGEGHQELLHSRKKLIQDRFKDDLNLLIDIVKQGSGTTN
DGNTARRFFEFPDKTAAITGLDEDLIRRFSVILQAITSGEIIDVPKFKEYARTTAEKYVELYDWYYMSSTVHKLLIHGGD
IIAENAIVPIGSLSEEASEARNKDFRRFREHHSRKKSRQASNEDILNMLIISSDPLISFTRPKLDAHKRQTYFKETVELL
QLQDQEAPTEFHHHHHH
;
A,D
2 'polydeoxyribonucleotide'
;(DC)(DT)(DA)(DG)(DA)(DT)(DC)(DT)(DC)(DA)(DC)(DG)(DG)(DT)(DG)(DG)(DA)(DT)(DC)(DG)
(DA)(DA)(DA)(DA)
;
B,E
3 'polydeoxyribonucleotide'
;(DT)(DT)(DT)(DT)(DC)(DG)(DA)(DT)(DC)(DC)(DA)(DC)(DC)(DG)(DT)(DG)(DA)(DG)(DA)(DT)
(DC)(DT)(DA)(DG)
;
C,F
#
loop_
_chem_comp.id
_chem_comp.type
_chem_comp.name
_chem_comp.formula
DA DNA linking 2'-DEOXYADENOSINE-5'-MONOPHOSPHATE 'C10 H14 N5 O6 P'
DC DNA linking 2'-DEOXYCYTIDINE-5'-MONOPHOSPHATE 'C9 H14 N3 O7 P'
DG DNA linking 2'-DEOXYGUANOSINE-5'-MONOPHOSPHATE 'C10 H14 N5 O7 P'
DT DNA linking THYMIDINE-5'-MONOPHOSPHATE 'C10 H15 N2 O8 P'
K non-polymer 'POTASSIUM ION' 'K 1'
MG non-polymer 'MAGNESIUM ION' 'Mg 2'
ZN non-polymer 'ZINC ION' 'Zn 2'
#
# COMPACT_ATOMS: atom_id res chain seq x y z
N SER A 5 -25.65 -13.82 22.65
CA SER A 5 -26.67 -13.72 21.62
C SER A 5 -26.12 -14.16 20.28
N THR A 6 -25.13 -13.42 19.78
CA THR A 6 -24.52 -13.70 18.49
C THR A 6 -23.47 -14.79 18.62
N ILE A 7 -22.84 -15.15 17.51
CA ILE A 7 -21.85 -16.22 17.51
C ILE A 7 -20.46 -15.68 17.84
N PHE A 8 -19.99 -14.68 17.12
CA PHE A 8 -18.71 -14.08 17.42
C PHE A 8 -18.84 -13.25 18.68
N SER A 9 -17.94 -13.47 19.62
CA SER A 9 -17.85 -12.58 20.75
C SER A 9 -17.28 -11.24 20.28
N PRO A 10 -17.59 -10.15 20.99
CA PRO A 10 -16.88 -8.90 20.71
C PRO A 10 -15.39 -9.01 20.92
N GLU A 11 -14.92 -10.02 21.63
CA GLU A 11 -13.48 -10.18 21.80
C GLU A 11 -12.84 -10.94 20.65
N LYS A 12 -13.54 -11.92 20.06
CA LYS A 12 -13.02 -12.62 18.90
C LYS A 12 -13.34 -11.93 17.59
N ALA A 13 -14.43 -11.17 17.54
CA ALA A 13 -14.62 -10.29 16.40
C ALA A 13 -13.45 -9.35 16.25
N LEU A 14 -12.88 -8.90 17.35
CA LEU A 14 -11.68 -8.09 17.28
C LEU A 14 -10.50 -8.87 16.75
N GLY A 15 -10.37 -10.14 17.14
CA GLY A 15 -9.33 -10.97 16.57
C GLY A 15 -9.47 -11.09 15.07
N LEU A 16 -10.71 -11.19 14.59
CA LEU A 16 -10.92 -11.22 13.15
C LEU A 16 -10.63 -9.87 12.52
N LEU A 17 -10.95 -8.79 13.23
CA LEU A 17 -10.62 -7.47 12.72
C LEU A 17 -9.14 -7.28 12.53
N LEU A 18 -8.33 -7.81 13.44
CA LEU A 18 -6.89 -7.61 13.36
C LEU A 18 -6.17 -8.63 12.51
N SER A 19 -6.61 -9.89 12.52
CA SER A 19 -5.96 -10.90 11.71
C SER A 19 -6.17 -10.64 10.24
N LEU A 20 -7.28 -10.03 9.89
CA LEU A 20 -7.57 -9.69 8.51
C LEU A 20 -7.20 -8.27 8.16
N LYS A 21 -6.72 -7.49 9.13
CA LYS A 21 -6.31 -6.11 8.88
C LYS A 21 -7.44 -5.30 8.26
N LEU A 22 -8.66 -5.56 8.67
CA LEU A 22 -9.79 -4.87 8.08
C LEU A 22 -9.89 -3.45 8.63
N SER A 23 -10.33 -2.55 7.77
CA SER A 23 -10.54 -1.16 8.16
C SER A 23 -11.98 -0.99 8.62
N LYS A 24 -12.27 0.11 9.31
CA LYS A 24 -13.61 0.28 9.87
C LYS A 24 -14.68 0.13 8.80
N TRP A 25 -14.47 0.73 7.64
CA TRP A 25 -15.45 0.57 6.59
C TRP A 25 -15.48 -0.86 6.07
N GLN A 26 -14.33 -1.54 6.04
CA GLN A 26 -14.34 -2.91 5.59
C GLN A 26 -15.07 -3.81 6.55
N TYR A 27 -14.91 -3.60 7.84
CA TYR A 27 -15.65 -4.43 8.79
C TYR A 27 -17.13 -4.11 8.77
N ILE A 28 -17.49 -2.83 8.63
CA ILE A 28 -18.91 -2.52 8.57
C ILE A 28 -19.54 -3.15 7.33
N THR A 29 -18.84 -3.12 6.20
CA THR A 29 -19.35 -3.82 5.03
C THR A 29 -19.40 -5.32 5.25
N LEU A 30 -18.38 -5.89 5.88
CA LEU A 30 -18.38 -7.33 6.12
C LEU A 30 -19.56 -7.74 6.98
N ARG A 31 -19.95 -6.88 7.91
CA ARG A 31 -21.13 -7.19 8.71
C ARG A 31 -22.39 -7.02 7.88
N GLU A 32 -22.53 -5.87 7.23
CA GLU A 32 -23.79 -5.59 6.55
C GLU A 32 -24.07 -6.58 5.44
N THR A 33 -23.05 -6.93 4.64
CA THR A 33 -23.28 -7.89 3.56
C THR A 33 -23.83 -9.19 4.11
N THR A 34 -23.10 -9.83 5.01
CA THR A 34 -23.58 -11.09 5.54
C THR A 34 -24.81 -10.92 6.42
N ILE A 35 -25.23 -9.68 6.70
CA ILE A 35 -26.55 -9.50 7.28
C ILE A 35 -27.62 -9.58 6.20
N ARG A 36 -27.36 -8.99 5.04
CA ARG A 36 -28.33 -9.03 3.96
C ARG A 36 -28.53 -10.44 3.40
N GLU A 37 -27.57 -11.33 3.59
CA GLU A 37 -27.78 -12.71 3.19
C GLU A 37 -28.68 -13.47 4.14
N GLY A 38 -29.16 -12.82 5.20
CA GLY A 38 -30.13 -13.38 6.11
C GLY A 38 -29.56 -13.76 7.45
N SER A 39 -28.31 -14.23 7.48
CA SER A 39 -27.70 -14.71 8.70
C SER A 39 -27.44 -13.52 9.62
N LYS A 40 -28.17 -13.44 10.72
CA LYS A 40 -28.21 -12.19 11.47
C LYS A 40 -27.21 -12.14 12.61
N GLU A 41 -26.89 -13.27 13.22
CA GLU A 41 -26.14 -13.25 14.47
C GLU A 41 -24.67 -13.60 14.27
N ILE A 42 -24.09 -13.24 13.13
CA ILE A 42 -22.71 -13.61 12.84
C ILE A 42 -21.72 -12.66 13.51
N TYR A 43 -21.75 -11.38 13.15
CA TYR A 43 -20.73 -10.49 13.69
C TYR A 43 -21.35 -9.43 14.57
N PRO A 44 -20.59 -8.89 15.52
CA PRO A 44 -21.09 -7.77 16.32
C PRO A 44 -21.00 -6.49 15.53
N SER A 45 -21.95 -5.61 15.79
CA SER A 45 -21.91 -4.28 15.23
C SER A 45 -20.69 -3.55 15.73
N TYR A 46 -20.10 -2.73 14.85
CA TYR A 46 -18.85 -2.07 15.17
C TYR A 46 -18.91 -1.28 16.46
N TYR A 47 -20.09 -0.93 16.94
CA TYR A 47 -20.16 -0.31 18.25
C TYR A 47 -19.62 -1.24 19.31
N LYS A 48 -20.03 -2.50 19.26
CA LYS A 48 -19.55 -3.50 20.21
C LYS A 48 -18.05 -3.74 20.06
N VAL A 49 -17.57 -3.81 18.83
CA VAL A 49 -16.13 -4.00 18.63
C VAL A 49 -15.36 -2.83 19.25
N GLN A 50 -15.88 -1.62 19.13
CA GLN A 50 -15.23 -0.51 19.82
C GLN A 50 -15.26 -0.71 21.31
N LYS A 51 -16.40 -1.14 21.84
CA LYS A 51 -16.52 -1.32 23.27
C LYS A 51 -15.50 -2.36 23.71
N ALA A 52 -15.28 -3.36 22.87
CA ALA A 52 -14.34 -4.40 23.21
C ALA A 52 -12.89 -3.95 23.13
N LYS A 53 -12.59 -3.04 22.21
CA LYS A 53 -11.29 -2.40 22.24
C LYS A 53 -11.10 -1.61 23.53
N LEU A 54 -12.17 -1.00 24.03
CA LEU A 54 -12.04 -0.15 25.21
C LEU A 54 -11.55 -0.92 26.42
N GLN A 55 -11.71 -2.24 26.44
CA GLN A 55 -11.24 -3.01 27.57
C GLN A 55 -9.75 -3.29 27.50
N CYS A 56 -9.15 -3.22 26.32
CA CYS A 56 -7.75 -3.54 26.16
C CYS A 56 -6.82 -2.38 26.51
N TYR A 57 -7.34 -1.21 26.78
CA TYR A 57 -6.54 -0.02 26.97
C TYR A 57 -6.16 0.15 28.43
N PRO A 58 -5.09 0.87 28.70
CA PRO A 58 -4.89 1.40 30.03
C PRO A 58 -5.84 2.56 30.25
N PRO A 59 -6.18 2.85 31.49
CA PRO A 59 -7.05 4.00 31.76
C PRO A 59 -6.44 5.28 31.19
N LYS A 60 -7.31 6.17 30.71
CA LYS A 60 -6.88 7.35 29.97
C LYS A 60 -5.98 8.28 30.77
N ALA A 61 -5.85 8.10 32.07
CA ALA A 61 -5.06 9.04 32.85
C ALA A 61 -3.57 8.79 32.71
N PHE A 62 -3.18 7.61 32.25
CA PHE A 62 -1.78 7.22 32.25
C PHE A 62 -1.17 7.12 30.87
N VAL A 63 -1.92 7.37 29.81
CA VAL A 63 -1.39 7.38 28.46
C VAL A 63 -1.37 8.81 27.95
N ALA A 64 -0.17 9.34 27.73
CA ALA A 64 -0.02 10.72 27.29
C ALA A 64 0.56 10.71 25.88
N VAL A 65 -0.13 11.37 24.96
CA VAL A 65 0.27 11.43 23.57
C VAL A 65 0.54 12.87 23.20
N THR A 66 1.63 13.10 22.49
CA THR A 66 2.02 14.39 21.95
C THR A 66 2.28 14.21 20.47
N ASP A 67 2.36 15.32 19.74
CA ASP A 67 2.57 15.25 18.30
C ASP A 67 3.82 14.45 17.96
N SER A 68 4.76 14.34 18.88
CA SER A 68 5.99 13.60 18.64
C SER A 68 6.00 12.24 19.30
N SER A 69 5.47 12.12 20.52
CA SER A 69 5.68 10.93 21.34
C SER A 69 4.38 10.43 21.92
N ALA A 70 4.42 9.20 22.41
CA ALA A 70 3.26 8.59 23.07
C ALA A 70 3.80 7.64 24.11
N LYS A 71 3.45 7.84 25.37
CA LYS A 71 3.98 7.01 26.44
C LYS A 71 2.89 6.62 27.41
N ILE A 72 3.03 5.41 27.94
CA ILE A 72 2.10 4.80 28.87
C ILE A 72 2.80 4.68 30.21
N ALA A 73 2.11 5.03 31.27
CA ALA A 73 2.70 4.83 32.59
C ALA A 73 2.97 3.35 32.78
N LEU A 74 4.26 2.99 32.92
CA LEU A 74 4.63 1.60 32.99
C LEU A 74 3.84 0.84 34.04
N GLN A 75 3.59 1.47 35.18
CA GLN A 75 2.80 0.84 36.22
C GLN A 75 1.43 0.44 35.69
N ALA A 76 0.75 1.35 35.03
CA ALA A 76 -0.58 1.04 34.51
C ALA A 76 -0.53 -0.01 33.43
N LEU A 77 0.51 0.02 32.60
CA LEU A 77 0.62 -0.98 31.55
C LEU A 77 0.77 -2.37 32.14
N LEU A 78 1.61 -2.51 33.16
CA LEU A 78 1.76 -3.82 33.77
C LEU A 78 0.47 -4.22 34.49
N ASP A 79 -0.19 -3.28 35.14
CA ASP A 79 -1.47 -3.62 35.77
C ASP A 79 -2.44 -4.17 34.74
N LEU A 80 -2.51 -3.53 33.58
CA LEU A 80 -3.41 -3.99 32.52
C LEU A 80 -3.02 -5.37 32.03
N THR A 81 -1.73 -5.61 31.81
CA THR A 81 -1.33 -6.93 31.33
C THR A 81 -1.71 -8.01 32.32
N VAL A 82 -1.45 -7.78 33.62
CA VAL A 82 -1.83 -8.77 34.60
C VAL A 82 -3.35 -8.95 34.61
N ASN A 83 -4.08 -7.86 34.47
CA ASN A 83 -5.54 -7.96 34.47
C ASN A 83 -6.02 -8.84 33.34
N ARG A 84 -5.48 -8.66 32.14
CA ARG A 84 -5.90 -9.49 31.02
C ARG A 84 -5.57 -10.96 31.26
N ILE A 85 -4.31 -11.22 31.63
CA ILE A 85 -3.91 -12.59 31.89
C ILE A 85 -4.88 -13.26 32.85
N PHE A 86 -5.12 -12.65 34.00
CA PHE A 86 -6.01 -13.29 34.96
C PHE A 86 -7.43 -13.36 34.44
N GLU A 87 -7.91 -12.34 33.74
CA GLU A 87 -9.29 -12.39 33.26
C GLU A 87 -9.53 -13.66 32.47
N THR A 88 -8.68 -13.93 31.49
CA THR A 88 -9.13 -14.95 30.55
C THR A 88 -8.22 -16.15 30.41
N ILE A 89 -6.94 -16.05 30.73
CA ILE A 89 -6.05 -17.11 30.30
C ILE A 89 -5.86 -18.13 31.42
N ARG A 90 -6.67 -18.02 32.47
CA ARG A 90 -6.58 -18.97 33.57
C ARG A 90 -7.90 -19.68 33.80
N SER A 91 -7.80 -20.89 34.36
CA SER A 91 -8.90 -21.46 35.12
C SER A 91 -8.74 -20.94 36.54
N PRO A 92 -9.48 -19.90 36.93
CA PRO A 92 -9.07 -19.10 38.07
C PRO A 92 -9.38 -19.74 39.41
N ASP A 93 -8.93 -19.06 40.47
CA ASP A 93 -9.23 -19.39 41.87
C ASP A 93 -8.61 -20.71 42.30
N ALA A 94 -7.79 -21.32 41.44
CA ALA A 94 -7.04 -22.49 41.85
C ALA A 94 -5.82 -22.14 42.68
N ILE A 95 -5.54 -20.85 42.85
CA ILE A 95 -4.42 -20.36 43.63
C ILE A 95 -4.90 -19.15 44.42
N GLN A 96 -5.14 -19.34 45.71
CA GLN A 96 -5.73 -18.30 46.55
C GLN A 96 -4.80 -17.84 47.65
N ASN A 97 -3.80 -18.65 48.00
CA ASN A 97 -2.81 -18.26 48.99
C ASN A 97 -1.43 -18.11 48.39
N LYS A 98 -1.13 -18.83 47.32
CA LYS A 98 0.22 -18.88 46.78
C LYS A 98 0.69 -17.48 46.40
N GLN A 99 1.99 -17.30 46.38
CA GLN A 99 2.57 -16.02 46.01
C GLN A 99 2.75 -15.95 44.50
N LEU A 100 2.49 -14.77 43.93
CA LEU A 100 2.38 -14.62 42.49
C LEU A 100 3.41 -13.64 41.96
N ILE A 101 4.22 -14.11 41.02
CA ILE A 101 5.32 -13.37 40.43
C ILE A 101 5.19 -13.40 38.92
N LEU A 102 5.20 -12.24 38.30
CA LEU A 102 5.18 -12.11 36.84
C LEU A 102 6.55 -11.67 36.37
N ILE A 103 7.25 -12.56 35.67
CA ILE A 103 8.57 -12.26 35.14
C ILE A 103 8.43 -11.74 33.73
N SER A 104 9.08 -10.62 33.45
CA SER A 104 8.89 -9.93 32.19
C SER A 104 10.21 -9.38 31.70
N LYS A 105 10.43 -9.44 30.40
CA LYS A 105 11.60 -8.83 29.79
C LYS A 105 11.18 -7.54 29.13
N TRP A 106 12.13 -6.67 28.86
CA TRP A 106 11.82 -5.43 28.18
C TRP A 106 13.03 -4.93 27.44
N GLY A 107 12.88 -3.81 26.75
CA GLY A 107 13.97 -3.28 25.98
C GLY A 107 13.48 -2.13 25.15
N PHE A 108 14.26 -1.77 24.14
CA PHE A 108 13.83 -0.79 23.16
C PHE A 108 14.67 -0.88 21.90
N ASP A 109 14.12 -0.39 20.80
CA ASP A 109 14.83 -0.39 19.54
C ASP A 109 14.35 0.74 18.66
N GLY A 110 15.26 1.33 17.89
CA GLY A 110 14.87 2.34 16.94
C GLY A 110 14.77 1.77 15.54
N ALA A 111 13.77 2.25 14.81
CA ALA A 111 13.55 1.83 13.44
C ALA A 111 13.56 3.05 12.55
N SER A 112 13.87 2.84 11.27
CA SER A 112 13.98 3.91 10.29
C SER A 112 12.97 3.66 9.17
N ASN A 113 11.81 4.30 9.27
CA ASN A 113 10.75 4.09 8.28
C ASN A 113 11.02 5.00 7.08
N GLN A 114 11.30 4.38 5.94
CA GLN A 114 11.63 5.14 4.74
C GLN A 114 10.41 5.40 3.88
N GLY A 126 10.18 15.20 11.49
CA GLY A 126 9.48 14.33 10.58
C GLY A 126 9.62 12.88 10.97
N ASP A 127 8.75 12.02 10.44
CA ASP A 127 8.73 10.61 10.83
C ASP A 127 9.84 9.84 10.11
N SER A 128 11.07 10.25 10.39
CA SER A 128 12.21 9.58 9.79
C SER A 128 12.58 8.33 10.55
N SER A 129 12.33 8.30 11.85
CA SER A 129 12.69 7.15 12.66
C SER A 129 11.89 7.19 13.94
N ILE A 130 11.69 6.02 14.54
CA ILE A 130 10.89 5.89 15.75
C ILE A 130 11.71 5.14 16.79
N PHE A 131 11.67 5.62 18.01
CA PHE A 131 12.41 5.01 19.11
C PHE A 131 11.41 4.45 20.11
N MET A 132 11.13 3.15 20.03
CA MET A 132 10.08 2.58 20.84
C MET A 132 10.63 1.64 21.90
N THR A 133 10.09 1.78 23.10
CA THR A 133 10.36 0.92 24.24
C THR A 133 9.29 -0.16 24.28
N SER A 134 9.69 -1.40 24.49
CA SER A 134 8.75 -2.51 24.49
C SER A 134 8.94 -3.38 25.72
N LEU A 135 7.91 -4.14 26.04
CA LEU A 135 7.88 -4.98 27.22
C LEU A 135 7.14 -6.26 26.86
N VAL A 136 7.71 -7.40 27.19
CA VAL A 136 7.06 -8.68 26.92
C VAL A 136 6.95 -9.47 28.21
N PRO A 137 5.74 -9.78 28.68
CA PRO A 137 5.62 -10.66 29.83
C PRO A 137 5.94 -12.07 29.42
N LEU A 138 6.90 -12.69 30.10
CA LEU A 138 7.35 -14.01 29.71
C LEU A 138 6.67 -15.12 30.48
N LYS A 139 6.42 -14.93 31.77
CA LYS A 139 6.08 -16.03 32.64
C LYS A 139 5.39 -15.48 33.87
N LEU A 140 4.25 -16.07 34.22
CA LEU A 140 3.54 -15.74 35.45
C LEU A 140 3.51 -16.99 36.30
N THR A 141 4.11 -16.90 37.48
CA THR A 141 4.47 -18.05 38.29
C THR A 141 3.80 -17.91 39.65
N ALA A 142 3.26 -19.03 40.16
CA ALA A 142 2.60 -19.05 41.45
C ALA A 142 3.47 -19.83 42.42
N ASP A 143 4.08 -19.13 43.37
CA ASP A 143 4.87 -19.75 44.43
C ASP A 143 5.92 -20.70 43.86
N GLY A 144 6.57 -20.26 42.78
CA GLY A 144 7.57 -21.06 42.11
C GLY A 144 7.03 -21.95 41.02
N ASP A 145 5.72 -22.14 40.94
CA ASP A 145 5.11 -23.02 39.95
C ASP A 145 4.40 -22.22 38.86
N THR A 146 4.46 -22.76 37.64
CA THR A 146 4.06 -22.05 36.45
C THR A 146 2.55 -22.03 36.29
N VAL A 147 1.99 -20.84 36.12
CA VAL A 147 0.58 -20.65 35.79
C VAL A 147 0.42 -20.28 34.32
N TRP A 148 1.19 -19.32 33.83
CA TRP A 148 1.09 -18.90 32.44
C TRP A 148 2.47 -18.70 31.86
N VAL A 149 2.65 -19.11 30.62
CA VAL A 149 3.90 -18.89 29.91
C VAL A 149 3.63 -18.07 28.67
N ASN A 150 4.69 -17.54 28.10
CA ASN A 150 4.61 -16.93 26.79
C ASN A 150 5.00 -17.98 25.76
N PRO A 151 4.08 -18.40 24.89
CA PRO A 151 4.39 -19.51 23.99
C PRO A 151 5.51 -19.23 23.01
N LYS A 152 5.66 -17.99 22.55
CA LYS A 152 6.76 -17.62 21.67
C LYS A 152 7.42 -16.34 22.17
N PRO A 153 8.31 -16.44 23.15
CA PRO A 153 8.88 -15.24 23.76
C PRO A 153 9.80 -14.46 22.86
N CYS A 154 10.04 -14.93 21.64
CA CYS A 154 10.86 -14.20 20.69
C CYS A 154 10.07 -13.76 19.46
N SER A 155 8.77 -13.65 19.58
CA SER A 155 7.87 -13.28 18.51
C SER A 155 7.01 -12.11 18.93
N PRO A 156 6.47 -11.33 18.00
CA PRO A 156 5.79 -10.09 18.39
C PRO A 156 4.46 -10.28 19.08
N MET A 157 4.02 -11.51 19.28
CA MET A 157 2.63 -11.69 19.69
C MET A 157 2.32 -11.16 21.08
N TYR A 158 3.30 -10.81 21.89
CA TYR A 158 2.94 -10.20 23.16
C TYR A 158 3.78 -8.97 23.47
N CYS A 159 4.34 -8.33 22.46
CA CYS A 159 5.24 -7.20 22.69
C CYS A 159 4.41 -5.95 22.96
N ARG A 160 4.15 -5.65 24.24
CA ARG A 160 3.40 -4.44 24.59
C ARG A 160 4.28 -3.22 24.42
N PRO A 161 3.73 -2.09 24.01
CA PRO A 161 4.52 -0.87 23.94
C PRO A 161 4.53 -0.17 25.29
N VAL A 162 5.62 0.54 25.56
CA VAL A 162 5.67 1.48 26.66
C VAL A 162 5.72 2.91 26.17
N GLN A 163 6.47 3.17 25.11
CA GLN A 163 6.60 4.51 24.59
C GLN A 163 7.19 4.43 23.20
N PHE A 164 6.68 5.26 22.30
CA PHE A 164 7.41 5.50 21.06
C PHE A 164 7.49 7.01 20.82
N SER A 165 8.46 7.40 20.02
CA SER A 165 8.69 8.82 19.77
C SER A 165 9.36 8.98 18.43
N PHE A 166 8.99 10.03 17.72
CA PHE A 166 9.58 10.32 16.42
C PHE A 166 10.86 11.14 16.59
N VAL A 167 11.86 10.51 17.20
CA VAL A 167 13.17 11.12 17.38
C VAL A 167 14.22 10.15 16.91
N LYS A 168 15.05 10.59 15.97
CA LYS A 168 16.09 9.71 15.44
C LYS A 168 16.97 9.23 16.57
N GLU A 169 17.20 7.91 16.59
CA GLU A 169 17.92 7.30 17.70
C GLU A 169 19.34 7.83 17.79
N THR A 170 19.68 8.39 18.95
CA THR A 170 21.03 8.86 19.20
C THR A 170 21.52 8.20 20.47
N LYS A 171 22.78 8.47 20.82
CA LYS A 171 23.31 7.88 22.03
C LYS A 171 22.71 8.51 23.28
N ASP A 172 22.51 9.83 23.26
CA ASP A 172 22.03 10.50 24.45
C ASP A 172 20.57 10.21 24.76
N VAL A 173 19.73 10.06 23.74
CA VAL A 173 18.34 9.72 23.99
C VAL A 173 18.21 8.33 24.60
N VAL A 174 19.11 7.41 24.25
CA VAL A 174 19.01 6.08 24.83
C VAL A 174 19.32 6.13 26.32
N ILE A 175 20.27 6.96 26.72
CA ILE A 175 20.56 7.08 28.14
C ILE A 175 19.44 7.81 28.86
N ASN A 176 18.94 8.89 28.28
CA ASN A 176 17.82 9.61 28.87
C ASN A 176 16.56 8.78 28.93
N GLU A 177 16.46 7.71 28.15
CA GLU A 177 15.36 6.77 28.26
C GLU A 177 15.63 5.66 29.26
N LYS A 178 16.85 5.13 29.30
CA LYS A 178 17.13 4.08 30.27
C LYS A 178 17.02 4.60 31.69
N THR A 179 17.60 5.77 31.98
CA THR A 179 17.47 6.31 33.32
C THR A 179 16.02 6.60 33.66
N ALA A 180 15.26 7.14 32.69
CA ALA A 180 13.86 7.44 32.95
C ALA A 180 13.04 6.19 33.23
N MET A 181 13.26 5.12 32.47
CA MET A 181 12.51 3.90 32.70
C MET A 181 12.95 3.22 33.98
N ASP A 182 14.24 3.28 34.30
CA ASP A 182 14.69 2.63 35.52
C ASP A 182 14.22 3.36 36.76
N ASP A 183 14.17 4.70 36.73
CA ASP A 183 13.63 5.41 37.87
C ASP A 183 12.17 5.11 38.09
N GLU A 184 11.51 4.47 37.13
CA GLU A 184 10.15 4.03 37.30
C GLU A 184 10.04 2.56 37.66
N ILE A 185 10.93 1.71 37.15
CA ILE A 185 10.92 0.31 37.55
C ILE A 185 11.18 0.19 39.05
N GLU A 186 12.08 1.02 39.57
CA GLU A 186 12.36 0.99 41.00
C GLU A 186 11.14 1.36 41.82
N ALA A 187 10.24 2.16 41.25
CA ALA A 187 9.15 2.71 42.04
C ALA A 187 7.87 1.88 41.99
N LEU A 188 7.77 0.90 41.10
CA LEU A 188 6.51 0.20 40.91
C LEU A 188 6.26 -0.77 42.05
N VAL A 189 5.09 -0.66 42.65
CA VAL A 189 4.65 -1.55 43.72
C VAL A 189 3.82 -2.64 43.06
N PRO A 190 3.55 -3.77 43.71
CA PRO A 190 2.85 -4.86 43.02
C PRO A 190 1.45 -4.46 42.62
N SER A 191 0.96 -5.13 41.59
CA SER A 191 -0.35 -4.83 41.01
C SER A 191 -1.38 -5.86 41.47
N LYS A 192 -2.58 -5.37 41.77
CA LYS A 192 -3.62 -6.19 42.37
C LYS A 192 -4.65 -6.52 41.30
N CYS A 193 -5.21 -7.73 41.37
CA CYS A 193 -6.29 -8.10 40.48
C CYS A 193 -7.08 -9.27 41.05
N GLN A 194 -8.40 -9.11 41.05
CA GLN A 194 -9.36 -10.08 41.60
C GLN A 194 -8.85 -10.69 42.91
N GLY A 195 -8.37 -9.81 43.79
CA GLY A 195 -7.96 -10.18 45.12
C GLY A 195 -6.54 -10.68 45.22
N HIS A 196 -5.97 -11.23 44.16
CA HIS A 196 -4.58 -11.64 44.22
C HIS A 196 -3.68 -10.42 44.08
N GLU A 197 -2.44 -10.58 44.51
CA GLU A 197 -1.44 -9.53 44.47
C GLU A 197 -0.22 -10.06 43.76
N ILE A 198 0.06 -9.54 42.56
CA ILE A 198 1.13 -10.04 41.72
C ILE A 198 2.27 -9.03 41.77
N SER A 199 3.50 -9.54 41.90
CA SER A 199 4.68 -8.69 41.90
C SER A 199 5.48 -8.93 40.62
N HIS A 200 6.01 -7.85 40.05
CA HIS A 200 6.68 -7.91 38.76
C HIS A 200 8.18 -8.02 38.94
N LYS A 201 8.81 -8.73 38.02
CA LYS A 201 10.27 -8.87 37.97
C LYS A 201 10.70 -8.55 36.55
N LEU A 202 11.26 -7.37 36.35
CA LEU A 202 11.58 -6.89 35.02
C LEU A 202 13.06 -7.08 34.71
N MET A 203 13.36 -7.50 33.50
CA MET A 203 14.74 -7.71 33.06
C MET A 203 14.95 -6.98 31.74
N MET A 204 15.93 -6.09 31.71
CA MET A 204 16.21 -5.37 30.47
C MET A 204 16.99 -6.30 29.56
N THR A 205 16.30 -6.99 28.68
CA THR A 205 16.93 -7.97 27.83
C THR A 205 16.77 -7.69 26.35
N MET A 206 15.81 -6.87 25.96
CA MET A 206 15.54 -6.63 24.54
C MET A 206 16.42 -5.48 24.05
N ILE A 207 17.71 -5.76 23.99
CA ILE A 207 18.70 -4.75 23.65
C ILE A 207 19.41 -5.17 22.38
N ASP A 208 19.34 -4.33 21.36
CA ASP A 208 20.01 -4.55 20.10
C ASP A 208 21.53 -4.41 20.27
N GLY A 209 22.25 -4.57 19.16
CA GLY A 209 23.70 -4.47 19.24
C GLY A 209 24.18 -3.07 19.57
N LYS A 210 23.82 -2.09 18.74
CA LYS A 210 24.41 -0.76 18.91
C LYS A 210 23.93 -0.11 20.20
N ILE A 211 22.75 -0.48 20.68
CA ILE A 211 22.33 0.02 21.99
C ILE A 211 23.19 -0.59 23.08
N CYS A 212 23.56 -1.87 22.91
CA CYS A 212 24.51 -2.46 23.83
C CYS A 212 25.82 -1.70 23.84
N THR A 213 26.28 -1.24 22.67
CA THR A 213 27.48 -0.42 22.65
C THR A 213 27.25 0.92 23.36
N TYR A 214 26.11 1.57 23.09
CA TYR A 214 25.85 2.87 23.69
C TYR A 214 25.83 2.79 25.21
N LEU A 215 25.26 1.71 25.75
CA LEU A 215 25.12 1.61 27.20
C LEU A 215 26.38 1.02 27.83
N SER A 216 27.42 0.78 27.03
CA SER A 216 28.55 0.02 27.51
C SER A 216 29.44 0.85 28.44
N GLU A 217 28.95 2.00 28.90
CA GLU A 217 29.77 2.93 29.66
C GLU A 217 29.90 2.53 31.13
N ALA A 218 30.46 1.36 31.38
CA ALA A 218 30.92 0.93 32.68
C ALA A 218 32.43 0.76 32.74
N LYS A 219 33.16 1.58 31.97
CA LYS A 219 34.50 1.30 31.41
C LYS A 219 35.37 0.54 32.42
N SER A 220 35.55 1.03 33.64
CA SER A 220 36.51 0.44 34.56
C SER A 220 35.92 0.38 35.97
N ASN A 221 36.31 -0.63 36.73
CA ASN A 221 35.86 -0.84 38.09
C ASN A 221 37.04 -1.30 38.93
N ALA A 222 36.79 -1.56 40.22
CA ALA A 222 37.81 -2.10 41.09
C ALA A 222 38.21 -3.50 40.65
N ALA A 223 39.22 -4.05 41.32
CA ALA A 223 39.73 -5.40 41.06
C ALA A 223 38.53 -6.33 40.94
N CYS A 224 37.61 -6.36 41.90
CA CYS A 224 36.34 -7.03 41.73
C CYS A 224 35.36 -6.53 42.79
N TYR A 225 34.14 -6.19 42.38
CA TYR A 225 33.15 -5.82 43.38
C TYR A 225 32.75 -7.05 44.20
N LEU A 226 32.73 -8.22 43.57
CA LEU A 226 32.38 -9.44 44.27
C LEU A 226 33.61 -10.12 44.85
N CYS A 227 34.63 -10.35 44.02
CA CYS A 227 35.77 -11.18 44.41
C CYS A 227 36.83 -10.41 45.20
N LEU A 228 36.87 -9.08 45.08
CA LEU A 228 37.81 -8.25 45.82
C LEU A 228 39.27 -8.69 45.63
N LEU A 237 39.26 -18.39 46.34
CA LEU A 237 38.41 -17.21 46.25
C LEU A 237 36.96 -17.55 46.63
N ASP A 238 36.32 -16.62 47.33
CA ASP A 238 34.97 -16.82 47.84
C ASP A 238 34.04 -15.75 47.29
N VAL A 239 32.74 -16.05 47.28
CA VAL A 239 31.77 -15.23 46.57
C VAL A 239 30.93 -14.43 47.56
N ILE A 240 31.35 -14.42 48.82
CA ILE A 240 30.53 -13.95 49.94
C ILE A 240 29.95 -12.57 49.72
N ALA A 241 30.57 -11.75 48.87
CA ALA A 241 30.02 -10.47 48.45
C ALA A 241 28.77 -10.74 47.62
N SER A 242 27.61 -10.36 48.15
CA SER A 242 26.34 -10.79 47.58
C SER A 242 25.97 -9.99 46.34
N LYS A 243 24.82 -10.33 45.77
CA LYS A 243 24.35 -9.77 44.51
C LYS A 243 23.07 -8.97 44.74
N THR A 244 22.99 -7.79 44.12
CA THR A 244 21.76 -7.01 44.05
C THR A 244 21.33 -6.94 42.59
N ILE A 245 20.06 -7.24 42.32
CA ILE A 245 19.63 -7.60 40.99
C ILE A 245 18.78 -6.50 40.34
N SER A 246 18.27 -5.56 41.12
CA SER A 246 17.38 -4.55 40.56
C SER A 246 18.13 -3.64 39.60
N SER A 247 17.37 -3.04 38.66
CA SER A 247 17.85 -2.07 37.68
C SER A 247 18.82 -2.68 36.68
N GLY A 248 19.04 -3.98 36.72
CA GLY A 248 19.66 -4.71 35.62
C GLY A 248 21.14 -4.43 35.34
N VAL A 249 21.72 -3.44 36.02
CA VAL A 249 23.05 -2.94 35.70
C VAL A 249 24.08 -4.06 35.65
N TYR A 250 23.96 -5.02 36.57
CA TYR A 250 24.93 -6.11 36.61
C TYR A 250 24.90 -6.93 35.34
N GLU A 251 23.77 -7.59 35.04
CA GLU A 251 23.65 -8.39 33.83
C GLU A 251 24.26 -7.70 32.63
N PHE A 252 23.99 -6.40 32.47
CA PHE A 252 24.63 -5.66 31.41
C PHE A 252 26.13 -5.71 31.54
N GLY A 253 26.67 -5.10 32.60
CA GLY A 253 28.12 -4.98 32.73
C GLY A 253 28.83 -6.31 32.59
N LEU A 254 28.14 -7.40 32.94
CA LEU A 254 28.77 -8.71 32.89
C LEU A 254 28.70 -9.28 31.48
N SER A 255 27.51 -9.44 30.93
CA SER A 255 27.39 -10.23 29.72
C SER A 255 26.59 -9.57 28.60
N THR A 256 26.44 -8.23 28.65
CA THR A 256 25.43 -7.52 27.87
C THR A 256 25.31 -8.01 26.43
N LEU A 257 26.42 -8.33 25.79
CA LEU A 257 26.38 -8.99 24.49
C LEU A 257 27.63 -9.83 24.29
N ALA A 259 31.65 -8.61 27.87
CA ALA A 259 30.82 -9.08 26.76
C ALA A 259 31.65 -9.20 25.50
N ARG A 260 31.03 -8.93 24.35
CA ARG A 260 31.69 -9.16 23.09
C ARG A 260 32.85 -8.19 22.86
N ILE A 261 32.78 -7.00 23.43
CA ILE A 261 33.79 -5.98 23.15
C ILE A 261 34.97 -6.10 24.10
N ASN A 262 34.68 -6.05 25.40
CA ASN A 262 35.70 -5.99 26.43
C ASN A 262 36.54 -7.26 26.55
N VAL A 263 36.13 -8.36 25.92
CA VAL A 263 37.03 -9.48 25.82
C VAL A 263 37.97 -9.31 24.64
N MET A 264 37.47 -8.75 23.54
CA MET A 264 38.31 -8.60 22.36
C MET A 264 39.37 -7.53 22.57
N GLU A 265 39.04 -6.46 23.29
CA GLU A 265 40.07 -5.48 23.60
C GLU A 265 41.17 -6.07 24.48
N CYS A 266 40.82 -6.90 25.46
CA CYS A 266 41.85 -7.52 26.29
C CYS A 266 42.67 -8.50 25.49
N LEU A 267 42.03 -9.27 24.62
CA LEU A 267 42.77 -10.19 23.77
C LEU A 267 43.73 -9.43 22.88
N LEU A 268 43.34 -8.25 22.42
CA LEU A 268 44.27 -7.42 21.66
C LEU A 268 45.39 -6.86 22.53
N HIS A 269 45.11 -6.54 23.79
CA HIS A 269 46.18 -6.11 24.67
C HIS A 269 47.20 -7.22 24.88
N ILE A 270 46.73 -8.48 24.97
CA ILE A 270 47.68 -9.59 24.99
C ILE A 270 48.43 -9.67 23.68
N ALA A 271 47.73 -9.56 22.56
CA ALA A 271 48.34 -9.73 21.24
C ALA A 271 49.43 -8.70 20.95
N TYR A 272 49.60 -7.68 21.79
CA TYR A 272 50.63 -6.68 21.58
C TYR A 272 51.75 -6.72 22.61
N ARG A 273 51.48 -7.22 23.82
CA ARG A 273 52.53 -7.49 24.79
C ARG A 273 53.10 -8.90 24.64
N LEU A 274 52.89 -9.49 23.46
CA LEU A 274 53.17 -10.91 23.23
C LEU A 274 54.66 -11.23 23.29
N ASP A 275 55.50 -10.48 22.58
CA ASP A 275 56.91 -10.84 22.49
C ASP A 275 57.62 -10.69 23.83
N PHE A 276 57.03 -9.96 24.76
CA PHE A 276 57.74 -9.53 25.95
C PHE A 276 57.21 -10.13 27.24
N LYS A 277 55.94 -10.52 27.28
CA LYS A 277 55.35 -11.21 28.43
C LYS A 277 55.42 -10.36 29.71
N LYS A 278 54.89 -9.15 29.64
CA LYS A 278 54.80 -8.26 30.79
C LYS A 278 53.49 -7.49 30.75
N TRP A 279 52.78 -7.44 31.89
CA TRP A 279 51.51 -6.74 31.92
C TRP A 279 51.68 -5.25 32.18
N SER A 280 52.56 -4.89 33.12
CA SER A 280 52.89 -3.49 33.39
C SER A 280 54.03 -3.12 32.46
N ALA A 281 53.69 -2.51 31.33
CA ALA A 281 54.58 -2.41 30.18
C ALA A 281 55.39 -1.13 30.18
N ARG A 282 55.61 -0.54 31.35
CA ARG A 282 56.52 0.59 31.48
C ARG A 282 57.98 0.15 31.55
N GLY A 283 58.28 -1.10 31.26
CA GLY A 283 59.62 -1.64 31.37
C GLY A 283 60.58 -1.07 30.33
N GLU A 284 61.72 -1.73 30.16
CA GLU A 284 62.83 -1.16 29.38
C GLU A 284 62.54 -1.29 27.89
N GLY A 285 62.24 -0.16 27.25
CA GLY A 285 62.10 -0.10 25.80
C GLY A 285 61.03 -0.97 25.20
N HIS A 286 59.92 -1.19 25.91
CA HIS A 286 58.91 -2.13 25.41
C HIS A 286 57.86 -1.41 24.56
N GLN A 287 57.36 -0.27 25.04
CA GLN A 287 56.18 0.37 24.46
C GLN A 287 56.32 0.56 22.95
N GLU A 288 57.52 0.92 22.49
CA GLU A 288 57.70 1.21 21.06
C GLU A 288 57.54 -0.04 20.21
N LEU A 289 58.17 -1.15 20.60
CA LEU A 289 57.96 -2.39 19.86
C LEU A 289 56.55 -2.96 20.08
N LEU A 290 55.93 -2.65 21.23
CA LEU A 290 54.51 -2.92 21.39
C LEU A 290 53.71 -2.28 20.26
N HIS A 291 53.94 -0.99 20.02
CA HIS A 291 53.23 -0.30 18.96
C HIS A 291 53.65 -0.81 17.58
N SER A 292 54.90 -1.22 17.41
CA SER A 292 55.33 -1.73 16.11
C SER A 292 54.65 -3.05 15.77
N ARG A 293 54.66 -4.01 16.70
CA ARG A 293 53.90 -5.23 16.47
C ARG A 293 52.41 -4.94 16.36
N LYS A 294 51.92 -3.93 17.07
CA LYS A 294 50.55 -3.48 16.91
C LYS A 294 50.27 -3.09 15.46
N LYS A 295 51.20 -2.38 14.83
CA LYS A 295 51.06 -2.01 13.43
C LYS A 295 51.14 -3.21 12.51
N LEU A 296 52.02 -4.17 12.79
CA LEU A 296 52.14 -5.34 11.93
C LEU A 296 50.91 -6.25 11.97
N ILE A 297 50.42 -6.58 13.17
CA ILE A 297 49.20 -7.38 13.27
C ILE A 297 48.03 -6.66 12.62
N GLN A 298 47.93 -5.35 12.82
CA GLN A 298 46.86 -4.58 12.20
C GLN A 298 46.98 -4.59 10.68
N ASP A 299 48.19 -4.49 10.14
CA ASP A 299 48.38 -4.58 8.70
C ASP A 299 47.90 -5.93 8.18
N ARG A 300 48.33 -7.03 8.79
CA ARG A 300 47.91 -8.33 8.29
C ARG A 300 46.42 -8.56 8.44
N PHE A 301 45.79 -8.02 9.49
CA PHE A 301 44.34 -8.20 9.63
C PHE A 301 43.56 -7.34 8.65
N LYS A 302 43.96 -6.07 8.47
CA LYS A 302 43.39 -5.28 7.39
C LYS A 302 43.64 -5.92 6.03
N ASP A 303 44.65 -6.78 5.93
CA ASP A 303 44.89 -7.52 4.70
C ASP A 303 43.90 -8.67 4.51
N ASP A 304 43.67 -9.50 5.53
CA ASP A 304 42.88 -10.71 5.33
C ASP A 304 41.37 -10.51 5.37
N LEU A 305 40.86 -9.59 6.21
CA LEU A 305 39.42 -9.33 6.25
C LEU A 305 39.02 -7.94 5.79
N ASN A 306 39.96 -7.02 5.62
CA ASN A 306 39.66 -5.62 5.31
C ASN A 306 38.73 -5.01 6.36
N LEU A 307 39.06 -5.26 7.63
CA LEU A 307 38.31 -4.69 8.72
C LEU A 307 39.26 -3.98 9.68
N LEU A 308 38.87 -2.77 10.06
CA LEU A 308 39.68 -1.90 10.92
C LEU A 308 39.77 -2.52 12.31
N ILE A 309 40.70 -2.01 13.11
CA ILE A 309 41.00 -2.59 14.41
C ILE A 309 40.81 -1.49 15.45
N ASP A 310 41.00 -1.83 16.73
CA ASP A 310 40.71 -0.97 17.88
C ASP A 310 41.40 0.39 17.86
N ILE A 311 42.35 0.60 16.94
CA ILE A 311 43.49 1.50 17.13
C ILE A 311 43.12 2.82 17.80
N VAL A 312 42.13 3.54 17.27
CA VAL A 312 41.78 4.86 17.77
C VAL A 312 40.27 5.01 17.79
N LYS A 313 39.76 5.53 18.90
CA LYS A 313 38.37 5.94 19.00
C LYS A 313 38.27 7.14 19.93
N GLN A 314 37.36 8.05 19.59
CA GLN A 314 37.29 9.35 20.25
C GLN A 314 36.72 9.23 21.65
N GLY A 315 35.60 8.52 21.80
CA GLY A 315 34.93 8.46 23.08
C GLY A 315 35.17 7.19 23.87
N SER A 316 35.43 7.34 25.17
CA SER A 316 35.59 6.25 26.13
C SER A 316 36.79 5.36 25.82
N GLY A 317 37.73 5.82 24.99
CA GLY A 317 38.93 5.05 24.73
C GLY A 317 38.94 4.36 23.38
N THR A 318 40.06 3.73 23.05
CA THR A 318 40.18 3.01 21.79
C THR A 318 39.33 1.74 21.84
N THR A 319 38.45 1.60 20.85
CA THR A 319 37.45 0.54 20.86
C THR A 319 37.03 0.22 19.44
N ASN A 320 36.05 -0.68 19.33
CA ASN A 320 35.55 -1.18 18.06
C ASN A 320 34.04 -1.32 18.17
N ASP A 321 33.37 -1.49 17.04
CA ASP A 321 31.96 -1.84 17.08
C ASP A 321 31.78 -3.35 17.08
N GLY A 322 30.64 -3.79 17.60
CA GLY A 322 30.34 -5.20 17.60
C GLY A 322 30.18 -5.81 16.23
N ASN A 323 29.80 -5.01 15.24
CA ASN A 323 29.67 -5.52 13.87
C ASN A 323 31.01 -5.92 13.29
N THR A 324 32.11 -5.45 13.87
CA THR A 324 33.43 -5.97 13.51
C THR A 324 33.87 -7.04 14.50
N ALA A 325 33.51 -6.90 15.78
CA ALA A 325 33.91 -7.88 16.77
C ALA A 325 33.30 -9.25 16.47
N ARG A 326 32.15 -9.30 15.80
CA ARG A 326 31.59 -10.60 15.45
C ARG A 326 32.45 -11.31 14.42
N ARG A 327 32.92 -10.59 13.41
CA ARG A 327 33.88 -11.17 12.48
C ARG A 327 35.22 -11.42 13.14
N PHE A 328 35.52 -10.74 14.24
CA PHE A 328 36.70 -11.07 15.03
C PHE A 328 36.61 -12.50 15.54
N PHE A 329 35.41 -12.92 15.94
CA PHE A 329 35.20 -14.25 16.48
C PHE A 329 34.58 -15.21 15.47
N GLU A 330 34.30 -14.77 14.26
CA GLU A 330 33.67 -15.65 13.28
C GLU A 330 34.58 -16.83 12.96
N PHE A 331 35.82 -16.56 12.56
CA PHE A 331 36.80 -17.60 12.33
C PHE A 331 37.90 -17.46 13.37
N PRO A 332 37.72 -18.00 14.57
CA PRO A 332 38.71 -17.81 15.63
C PRO A 332 40.08 -18.35 15.25
N ASP A 333 40.08 -19.38 14.41
CA ASP A 333 41.33 -20.00 13.99
C ASP A 333 42.25 -19.02 13.27
N LYS A 334 41.73 -18.37 12.24
CA LYS A 334 42.57 -17.55 11.37
C LYS A 334 43.08 -16.31 12.08
N THR A 335 42.19 -15.62 12.81
CA THR A 335 42.62 -14.46 13.57
C THR A 335 43.67 -14.83 14.60
N ALA A 336 43.58 -16.01 15.21
CA ALA A 336 44.58 -16.41 16.19
C ALA A 336 45.89 -16.76 15.52
N ALA A 337 45.84 -17.43 14.37
CA ALA A 337 47.05 -17.76 13.63
C ALA A 337 47.76 -16.53 13.11
N ILE A 338 47.01 -15.46 12.81
CA ILE A 338 47.64 -14.26 12.28
C ILE A 338 48.10 -13.35 13.42
N THR A 339 47.32 -13.25 14.49
CA THR A 339 47.64 -12.34 15.57
C THR A 339 48.75 -12.85 16.47
N GLY A 340 49.04 -14.15 16.44
CA GLY A 340 50.03 -14.73 17.33
C GLY A 340 49.50 -15.24 18.65
N LEU A 341 48.20 -15.52 18.74
CA LEU A 341 47.61 -16.06 19.95
C LEU A 341 47.14 -17.49 19.72
N ASP A 342 46.87 -18.20 20.81
CA ASP A 342 46.45 -19.59 20.74
C ASP A 342 45.13 -19.71 19.99
N GLU A 343 45.05 -20.71 19.12
CA GLU A 343 43.79 -20.97 18.43
C GLU A 343 42.70 -21.33 19.42
N ASP A 344 42.97 -22.34 20.26
CA ASP A 344 41.90 -22.93 21.06
C ASP A 344 41.35 -21.97 22.10
N LEU A 345 42.17 -21.04 22.60
CA LEU A 345 41.64 -20.06 23.55
C LEU A 345 40.60 -19.18 22.88
N ILE A 346 40.91 -18.66 21.69
CA ILE A 346 39.95 -17.84 20.98
C ILE A 346 38.76 -18.67 20.52
N ARG A 347 39.00 -19.93 20.16
CA ARG A 347 37.88 -20.80 19.82
C ARG A 347 36.93 -20.96 21.01
N ARG A 348 37.48 -21.18 22.20
CA ARG A 348 36.62 -21.39 23.35
C ARG A 348 35.96 -20.09 23.79
N PHE A 349 36.61 -18.95 23.59
CA PHE A 349 35.94 -17.69 23.86
C PHE A 349 34.82 -17.42 22.87
N SER A 350 35.04 -17.66 21.59
CA SER A 350 33.99 -17.56 20.60
C SER A 350 32.88 -18.56 20.82
N VAL A 351 33.15 -19.66 21.53
CA VAL A 351 32.12 -20.60 21.91
C VAL A 351 31.33 -20.09 23.10
N ILE A 352 32.01 -19.63 24.15
CA ILE A 352 31.27 -19.16 25.32
C ILE A 352 30.43 -17.94 24.98
N LEU A 353 30.93 -17.03 24.15
CA LEU A 353 30.09 -15.89 23.78
C LEU A 353 28.97 -16.27 22.83
N GLN A 354 29.24 -17.11 21.84
CA GLN A 354 28.20 -17.57 20.94
C GLN A 354 27.18 -18.44 21.63
N ALA A 355 27.45 -18.88 22.86
CA ALA A 355 26.40 -19.49 23.64
C ALA A 355 25.61 -18.46 24.45
N ILE A 356 26.24 -17.35 24.80
CA ILE A 356 25.53 -16.29 25.52
C ILE A 356 24.49 -15.64 24.62
N THR A 357 24.91 -15.19 23.45
CA THR A 357 24.05 -14.46 22.54
C THR A 357 23.43 -15.35 21.49
N SER A 358 23.39 -16.66 21.71
CA SER A 358 22.81 -17.54 20.70
C SER A 358 21.31 -17.36 20.61
N GLY A 359 20.67 -16.99 21.72
CA GLY A 359 19.24 -16.89 21.79
C GLY A 359 18.54 -18.14 22.28
N GLU A 360 19.27 -19.23 22.49
CA GLU A 360 18.72 -20.47 23.00
C GLU A 360 19.02 -20.60 24.48
N ILE A 361 18.16 -21.33 25.17
CA ILE A 361 18.25 -21.43 26.63
C ILE A 361 19.56 -22.08 27.00
N ILE A 362 20.17 -21.61 28.08
CA ILE A 362 21.53 -21.98 28.44
C ILE A 362 21.49 -23.08 29.50
N ASP A 363 22.13 -24.20 29.22
CA ASP A 363 22.24 -25.28 30.20
C ASP A 363 23.30 -24.86 31.22
N VAL A 364 22.86 -24.33 32.35
CA VAL A 364 23.75 -23.65 33.29
C VAL A 364 24.81 -24.58 33.86
N PRO A 365 24.49 -25.80 34.33
CA PRO A 365 25.56 -26.64 34.88
C PRO A 365 26.65 -26.95 33.89
N LYS A 366 26.31 -27.19 32.62
CA LYS A 366 27.35 -27.44 31.62
C LYS A 366 28.16 -26.18 31.35
N PHE A 367 27.49 -25.03 31.30
CA PHE A 367 28.18 -23.78 31.02
C PHE A 367 29.13 -23.39 32.14
N LYS A 368 28.77 -23.69 33.40
CA LYS A 368 29.70 -23.40 34.48
C LYS A 368 31.03 -24.12 34.28
N GLU A 369 30.98 -25.40 33.96
CA GLU A 369 32.23 -26.15 33.77
C GLU A 369 32.95 -25.74 32.50
N TYR A 370 32.22 -25.37 31.45
CA TYR A 370 32.92 -24.89 30.27
C TYR A 370 33.63 -23.57 30.55
N ALA A 371 32.99 -22.67 31.28
CA ALA A 371 33.65 -21.42 31.65
C ALA A 371 34.86 -21.67 32.55
N ARG A 372 34.73 -22.60 33.49
CA ARG A 372 35.89 -22.95 34.31
C ARG A 372 37.04 -23.47 33.46
N THR A 373 36.75 -24.37 32.52
CA THR A 373 37.79 -24.91 31.66
C THR A 373 38.43 -23.82 30.82
N THR A 374 37.64 -22.86 30.36
CA THR A 374 38.20 -21.75 29.61
C THR A 374 39.07 -20.85 30.47
N ALA A 375 38.63 -20.53 31.69
CA ALA A 375 39.45 -19.73 32.60
C ALA A 375 40.78 -20.43 32.87
N GLU A 376 40.75 -21.75 33.01
CA GLU A 376 41.98 -22.49 33.21
C GLU A 376 42.86 -22.43 31.96
N LYS A 377 42.35 -22.89 30.82
CA LYS A 377 43.14 -22.83 29.59
C LYS A 377 43.68 -21.43 29.31
N TYR A 378 43.06 -20.40 29.90
CA TYR A 378 43.56 -19.04 29.74
C TYR A 378 44.68 -18.72 30.73
N VAL A 379 44.45 -18.94 32.03
CA VAL A 379 45.42 -18.47 33.01
C VAL A 379 46.57 -19.46 33.23
N GLU A 380 46.33 -20.77 33.11
CA GLU A 380 47.43 -21.73 33.08
C GLU A 380 48.33 -21.54 31.89
N LEU A 381 47.85 -20.89 30.83
CA LEU A 381 48.65 -20.60 29.65
C LEU A 381 49.16 -19.17 29.63
N TYR A 382 48.35 -18.23 30.10
CA TYR A 382 48.70 -16.80 30.07
C TYR A 382 48.70 -16.28 31.50
N ASP A 383 49.89 -16.11 32.06
CA ASP A 383 50.02 -15.50 33.37
C ASP A 383 50.58 -14.09 33.29
N TRP A 384 51.44 -13.83 32.30
CA TRP A 384 52.06 -12.51 32.19
C TRP A 384 51.03 -11.43 31.95
N TYR A 385 49.87 -11.78 31.41
CA TYR A 385 48.75 -10.87 31.38
C TYR A 385 47.76 -11.24 32.48
N TYR A 386 47.42 -10.28 33.32
CA TYR A 386 46.48 -10.53 34.40
C TYR A 386 45.05 -10.26 33.94
N MET A 387 44.11 -10.93 34.60
CA MET A 387 42.73 -10.93 34.14
C MET A 387 42.06 -9.59 34.45
N SER A 388 41.62 -8.89 33.42
CA SER A 388 40.86 -7.68 33.64
C SER A 388 39.47 -8.02 34.19
N SER A 389 38.85 -7.04 34.84
CA SER A 389 37.62 -7.32 35.58
C SER A 389 36.51 -7.81 34.66
N THR A 390 36.54 -7.44 33.38
CA THR A 390 35.52 -7.88 32.45
C THR A 390 35.69 -9.35 32.08
N VAL A 391 36.91 -9.73 31.69
CA VAL A 391 37.19 -11.14 31.45
C VAL A 391 37.18 -11.94 32.75
N HIS A 392 37.51 -11.31 33.88
CA HIS A 392 37.36 -11.99 35.15
C HIS A 392 35.92 -12.35 35.40
N LYS A 393 35.01 -11.45 35.04
CA LYS A 393 33.61 -11.60 35.41
C LYS A 393 32.83 -12.46 34.44
N LEU A 394 33.16 -12.41 33.15
CA LEU A 394 32.44 -13.24 32.18
C LEU A 394 32.66 -14.71 32.46
N LEU A 395 33.86 -15.09 32.87
CA LEU A 395 34.22 -16.50 33.01
C LEU A 395 34.04 -17.01 34.43
N ILE A 396 34.50 -16.26 35.42
CA ILE A 396 34.49 -16.77 36.79
C ILE A 396 33.10 -16.64 37.40
N HIS A 397 32.40 -15.54 37.10
CA HIS A 397 31.11 -15.28 37.70
C HIS A 397 29.99 -15.19 36.68
N GLY A 398 30.31 -15.11 35.39
CA GLY A 398 29.27 -14.97 34.38
C GLY A 398 28.28 -16.11 34.34
N GLY A 399 28.70 -17.32 34.71
CA GLY A 399 27.79 -18.44 34.64
C GLY A 399 26.74 -18.40 35.74
N ASP A 400 27.02 -17.68 36.82
CA ASP A 400 26.08 -17.66 37.94
C ASP A 400 24.86 -16.81 37.61
N ILE A 401 25.01 -15.82 36.72
CA ILE A 401 23.92 -14.89 36.46
C ILE A 401 22.76 -15.61 35.79
N ILE A 402 23.05 -16.40 34.77
CA ILE A 402 22.00 -17.06 34.01
C ILE A 402 21.19 -17.99 34.91
N ALA A 403 21.77 -18.43 36.02
CA ALA A 403 21.03 -19.28 36.94
C ALA A 403 20.28 -18.46 37.98
N GLU A 404 20.94 -17.44 38.53
CA GLU A 404 20.34 -16.69 39.64
C GLU A 404 19.15 -15.87 39.15
N ASN A 405 19.20 -15.39 37.92
CA ASN A 405 18.08 -14.59 37.42
C ASN A 405 17.20 -15.41 36.48
N ALA A 406 17.64 -16.62 36.12
CA ALA A 406 16.88 -17.50 35.24
C ALA A 406 16.44 -16.78 33.98
N ILE A 407 17.32 -15.96 33.43
CA ILE A 407 16.99 -15.05 32.35
C ILE A 407 16.75 -15.87 31.09
N VAL A 408 15.80 -15.42 30.29
CA VAL A 408 15.81 -15.77 28.87
C VAL A 408 17.17 -15.38 28.30
N PRO A 409 17.74 -16.15 27.38
CA PRO A 409 19.00 -15.73 26.76
C PRO A 409 18.89 -14.32 26.20
N ILE A 410 20.05 -13.68 26.07
CA ILE A 410 20.17 -12.25 25.76
C ILE A 410 19.43 -11.89 24.48
N GLY A 411 19.01 -12.91 23.74
CA GLY A 411 18.16 -12.68 22.59
C GLY A 411 16.96 -11.77 22.82
N SER A 412 16.63 -10.99 21.79
CA SER A 412 15.46 -10.13 21.75
C SER A 412 14.74 -10.49 20.47
N LEU A 413 13.63 -9.79 20.21
CA LEU A 413 12.75 -10.12 19.11
C LEU A 413 13.54 -10.52 17.87
N SER A 414 13.08 -11.58 17.22
CA SER A 414 13.79 -12.18 16.11
C SER A 414 14.00 -11.18 14.99
N GLU A 415 14.85 -11.54 14.03
CA GLU A 415 14.97 -10.72 12.84
C GLU A 415 13.62 -10.60 12.15
N GLU A 416 13.00 -11.73 11.84
CA GLU A 416 11.67 -11.67 11.22
C GLU A 416 10.66 -11.05 12.16
N ALA A 417 10.81 -11.26 13.47
CA ALA A 417 9.84 -10.71 14.41
C ALA A 417 9.95 -9.21 14.49
N SER A 418 11.16 -8.67 14.61
CA SER A 418 11.30 -7.23 14.67
C SER A 418 10.89 -6.60 13.35
N GLU A 419 11.15 -7.29 12.23
CA GLU A 419 10.65 -6.81 10.96
C GLU A 419 9.13 -6.75 10.96
N ALA A 420 8.48 -7.76 11.53
CA ALA A 420 7.03 -7.73 11.63
C ALA A 420 6.55 -6.56 12.47
N ARG A 421 7.17 -6.31 13.61
CA ARG A 421 6.75 -5.19 14.43
C ARG A 421 6.91 -3.86 13.70
N ASN A 422 8.05 -3.66 13.04
CA ASN A 422 8.25 -2.38 12.37
C ASN A 422 7.32 -2.22 11.18
N LYS A 423 7.12 -3.30 10.41
CA LYS A 423 6.20 -3.24 9.29
C LYS A 423 4.78 -2.97 9.76
N ASP A 424 4.38 -3.54 10.88
CA ASP A 424 3.04 -3.29 11.37
C ASP A 424 2.90 -1.91 11.99
N PHE A 425 3.97 -1.35 12.55
CA PHE A 425 3.88 0.05 12.92
C PHE A 425 3.65 0.92 11.70
N ARG A 426 4.44 0.71 10.66
CA ARG A 426 4.20 1.46 9.43
C ARG A 426 2.77 1.27 8.93
N ARG A 427 2.24 0.06 8.99
CA ARG A 427 0.89 -0.16 8.50
C ARG A 427 -0.14 0.57 9.35
N PHE A 428 -0.08 0.42 10.67
CA PHE A 428 -1.00 1.14 11.55
C PHE A 428 -0.91 2.64 11.38
N ARG A 429 0.26 3.16 11.00
CA ARG A 429 0.35 4.60 10.81
C ARG A 429 -0.23 5.04 9.49
N GLU A 430 0.00 4.28 8.42
CA GLU A 430 -0.41 4.72 7.10
C GLU A 430 -1.88 4.42 6.81
N HIS A 431 -2.29 3.17 6.99
CA HIS A 431 -3.60 2.74 6.54
C HIS A 431 -4.65 2.68 7.63
N HIS A 432 -4.26 2.64 8.90
CA HIS A 432 -5.25 2.41 9.95
C HIS A 432 -5.19 3.46 11.03
N SER A 433 -4.79 4.68 10.70
CA SER A 433 -4.84 5.77 11.64
C SER A 433 -5.73 6.88 11.09
N ARG A 434 -6.35 7.64 11.97
CA ARG A 434 -7.24 8.70 11.53
C ARG A 434 -6.44 9.97 11.30
N LYS A 435 -6.65 10.61 10.16
CA LYS A 435 -5.88 11.79 9.79
C LYS A 435 -6.45 13.11 10.29
N LYS A 436 -7.44 13.05 11.18
CA LYS A 436 -8.07 14.27 11.68
C LYS A 436 -7.05 15.20 12.33
N SER A 437 -6.13 14.63 13.09
CA SER A 437 -5.11 15.43 13.74
C SER A 437 -3.90 14.56 14.05
N ARG A 438 -2.76 15.19 14.29
CA ARG A 438 -1.56 14.43 14.60
C ARG A 438 -1.68 13.64 15.90
N GLN A 439 -2.30 14.21 16.93
CA GLN A 439 -2.42 13.49 18.18
C GLN A 439 -3.34 12.30 18.03
N ALA A 440 -4.43 12.45 17.30
CA ALA A 440 -5.26 11.31 17.02
C ALA A 440 -4.50 10.24 16.26
N SER A 441 -3.54 10.64 15.43
CA SER A 441 -2.81 9.65 14.66
C SER A 441 -1.93 8.77 15.55
N ASN A 442 -1.12 9.38 16.41
CA ASN A 442 -0.36 8.58 17.34
C ASN A 442 -1.26 7.83 18.32
N GLU A 443 -2.40 8.41 18.67
CA GLU A 443 -3.33 7.69 19.52
C GLU A 443 -3.79 6.41 18.85
N ASP A 444 -4.11 6.46 17.57
CA ASP A 444 -4.48 5.25 16.85
C ASP A 444 -3.34 4.26 16.84
N ILE A 445 -2.15 4.72 16.47
CA ILE A 445 -1.03 3.80 16.37
C ILE A 445 -0.79 3.11 17.70
N LEU A 446 -0.90 3.86 18.80
CA LEU A 446 -0.60 3.27 20.09
C LEU A 446 -1.70 2.35 20.56
N ASN A 447 -2.95 2.76 20.41
CA ASN A 447 -4.02 1.89 20.86
C ASN A 447 -4.30 0.76 19.89
N MET A 448 -3.55 0.69 18.78
CA MET A 448 -3.51 -0.53 18.00
C MET A 448 -2.31 -1.40 18.34
N LEU A 449 -1.17 -0.78 18.65
CA LEU A 449 -0.06 -1.54 19.19
C LEU A 449 -0.41 -2.23 20.49
N ILE A 450 -1.36 -1.68 21.24
CA ILE A 450 -1.80 -2.31 22.47
C ILE A 450 -2.75 -3.46 22.18
N ILE A 451 -3.76 -3.24 21.35
CA ILE A 451 -4.66 -4.33 21.01
C ILE A 451 -3.89 -5.49 20.41
N SER A 452 -3.14 -5.24 19.34
CA SER A 452 -2.46 -6.28 18.60
C SER A 452 -1.44 -7.04 19.43
N SER A 453 -1.25 -6.66 20.69
CA SER A 453 -0.35 -7.36 21.58
C SER A 453 -1.03 -7.78 22.87
N ASP A 454 -2.35 -7.89 22.86
CA ASP A 454 -3.07 -8.23 24.07
C ASP A 454 -2.93 -9.72 24.37
N PRO A 455 -2.86 -10.12 25.64
CA PRO A 455 -2.78 -11.54 25.95
C PRO A 455 -4.12 -12.25 25.87
N LEU A 456 -5.20 -11.54 25.55
CA LEU A 456 -6.50 -12.17 25.42
C LEU A 456 -6.83 -12.45 23.97
N ILE A 457 -6.55 -11.50 23.09
CA ILE A 457 -7.12 -11.50 21.77
C ILE A 457 -6.37 -12.49 20.89
N SER A 458 -7.10 -13.46 20.37
CA SER A 458 -6.53 -14.41 19.43
C SER A 458 -6.42 -13.75 18.07
N PHE A 459 -5.20 -13.62 17.59
CA PHE A 459 -4.93 -12.76 16.43
C PHE A 459 -3.91 -13.49 15.57
N THR A 460 -4.35 -13.97 14.42
CA THR A 460 -3.57 -14.91 13.64
C THR A 460 -2.61 -14.19 12.71
N ARG A 461 -1.73 -14.96 12.10
CA ARG A 461 -0.69 -14.46 11.20
C ARG A 461 -0.44 -15.47 10.11
N PRO A 462 0.15 -15.04 8.99
CA PRO A 462 0.48 -15.99 7.92
C PRO A 462 1.53 -16.98 8.41
N LYS A 463 1.33 -18.26 8.07
CA LYS A 463 2.21 -19.31 8.56
C LYS A 463 3.63 -19.08 8.10
N LEU A 464 4.58 -19.16 9.05
CA LEU A 464 5.98 -18.97 8.73
C LEU A 464 6.57 -20.24 8.15
N ASP A 465 7.50 -20.06 7.21
CA ASP A 465 8.19 -21.19 6.62
C ASP A 465 9.42 -21.56 7.45
N ALA A 466 9.81 -22.83 7.35
CA ALA A 466 10.96 -23.31 8.11
C ALA A 466 12.25 -22.75 7.53
N HIS A 467 13.15 -22.35 8.42
CA HIS A 467 14.48 -21.88 8.05
C HIS A 467 15.46 -23.01 8.23
N LYS A 468 16.64 -22.89 7.64
CA LYS A 468 17.75 -23.75 8.04
C LYS A 468 18.09 -23.47 9.49
N ARG A 469 18.22 -24.53 10.28
CA ARG A 469 18.50 -24.35 11.68
C ARG A 469 19.88 -23.72 11.84
N GLN A 470 19.94 -22.66 12.65
CA GLN A 470 21.14 -21.85 12.72
C GLN A 470 22.31 -22.66 13.26
N THR A 471 23.42 -22.64 12.53
CA THR A 471 24.60 -23.39 12.93
C THR A 471 25.49 -22.56 13.86
N TYR A 472 26.02 -23.22 14.88
CA TYR A 472 26.95 -22.60 15.81
C TYR A 472 28.17 -23.49 15.94
N PHE A 473 29.14 -23.03 16.72
CA PHE A 473 30.34 -23.83 16.97
C PHE A 473 29.96 -25.12 17.68
N LYS A 474 30.73 -26.17 17.39
CA LYS A 474 30.32 -27.51 17.80
C LYS A 474 30.16 -27.63 19.31
N GLU A 475 30.94 -26.86 20.07
CA GLU A 475 30.88 -26.99 21.51
C GLU A 475 29.70 -26.23 22.11
N THR A 476 29.06 -25.38 21.31
CA THR A 476 27.93 -24.61 21.83
C THR A 476 26.68 -25.46 21.95
N VAL A 477 26.50 -26.41 21.02
CA VAL A 477 25.30 -27.24 21.05
C VAL A 477 25.21 -28.01 22.36
N GLU A 478 26.34 -28.53 22.82
CA GLU A 478 26.37 -29.18 24.13
C GLU A 478 26.12 -28.17 25.24
N LEU A 479 26.27 -26.88 24.94
CA LEU A 479 26.04 -25.86 25.95
C LEU A 479 24.57 -25.47 26.02
N LEU A 480 23.87 -25.54 24.89
CA LEU A 480 22.48 -25.07 24.85
C LEU A 480 21.50 -26.23 24.91
N GLN A 481 20.23 -25.89 25.02
CA GLN A 481 19.13 -26.82 24.90
C GLN A 481 18.23 -26.35 23.77
N LEU A 482 18.25 -27.07 22.65
CA LEU A 482 17.74 -26.55 21.40
C LEU A 482 16.28 -26.88 21.14
N GLN A 483 15.47 -27.07 22.18
CA GLN A 483 14.03 -27.15 21.98
C GLN A 483 13.39 -25.79 22.21
N ASP A 484 13.19 -25.06 21.11
CA ASP A 484 12.60 -23.72 21.15
C ASP A 484 12.08 -23.40 19.76
N GLN A 485 11.38 -22.25 19.66
CA GLN A 485 10.83 -21.77 18.41
C GLN A 485 11.42 -20.40 18.12
N GLU A 486 12.41 -20.36 17.23
CA GLU A 486 13.12 -19.13 16.93
C GLU A 486 13.84 -19.29 15.60
N ALA A 487 13.73 -18.29 14.75
CA ALA A 487 14.28 -18.47 13.41
C ALA A 487 15.01 -17.23 12.91
N PRO A 488 16.09 -16.83 13.57
CA PRO A 488 16.84 -15.65 13.11
C PRO A 488 17.89 -16.04 12.08
N THR A 489 18.23 -15.08 11.23
CA THR A 489 19.41 -15.21 10.38
C THR A 489 20.63 -14.53 10.98
N GLU A 490 20.49 -13.29 11.44
CA GLU A 490 21.67 -12.53 11.87
C GLU A 490 21.83 -12.57 13.39
N PHE A 491 20.73 -12.42 14.13
CA PHE A 491 20.83 -12.22 15.56
C PHE A 491 19.51 -12.64 16.19
N HIS A 492 19.54 -13.57 17.15
CA HIS A 492 18.30 -14.08 17.72
C HIS A 492 17.69 -13.12 18.71
N SER D 5 -26.77 -25.42 -0.18
CA SER D 5 -26.32 -25.94 1.11
C SER D 5 -25.96 -24.82 2.06
N THR D 6 -24.94 -24.05 1.70
CA THR D 6 -24.46 -22.96 2.52
C THR D 6 -25.30 -21.71 2.29
N ILE D 7 -24.97 -20.63 3.00
CA ILE D 7 -25.74 -19.40 2.90
C ILE D 7 -25.25 -18.52 1.76
N PHE D 8 -23.96 -18.21 1.74
CA PHE D 8 -23.41 -17.44 0.64
C PHE D 8 -23.33 -18.30 -0.60
N SER D 9 -23.85 -17.80 -1.70
CA SER D 9 -23.63 -18.46 -2.96
C SER D 9 -22.16 -18.27 -3.36
N PRO D 10 -21.61 -19.19 -4.16
CA PRO D 10 -20.30 -18.92 -4.75
C PRO D 10 -20.28 -17.69 -5.61
N GLU D 11 -21.43 -17.18 -6.05
CA GLU D 11 -21.43 -15.95 -6.82
C GLU D 11 -21.44 -14.70 -5.95
N LYS D 12 -22.08 -14.74 -4.79
CA LYS D 12 -22.04 -13.61 -3.87
C LYS D 12 -20.86 -13.66 -2.92
N ALA D 13 -20.34 -14.84 -2.63
CA ALA D 13 -19.05 -14.90 -1.96
C ALA D 13 -18.00 -14.17 -2.75
N LEU D 14 -18.07 -14.25 -4.07
CA LEU D 14 -17.17 -13.48 -4.91
C LEU D 14 -17.41 -12.00 -4.78
N GLY D 15 -18.67 -11.58 -4.68
CA GLY D 15 -18.94 -10.17 -4.44
C GLY D 15 -18.33 -9.70 -3.14
N LEU D 16 -18.37 -10.55 -2.12
CA LEU D 16 -17.71 -10.19 -0.86
C LEU D 16 -16.21 -10.19 -1.00
N LEU D 17 -15.67 -11.11 -1.80
CA LEU D 17 -14.24 -11.11 -2.05
C LEU D 17 -13.77 -9.83 -2.70
N LEU D 18 -14.54 -9.30 -3.62
CA LEU D 18 -14.13 -8.10 -4.34
C LEU D 18 -14.49 -6.81 -3.64
N SER D 19 -15.63 -6.74 -2.98
CA SER D 19 -16.02 -5.51 -2.29
C SER D 19 -15.09 -5.24 -1.11
N LEU D 20 -14.56 -6.29 -0.51
CA LEU D 20 -13.64 -6.15 0.59
C LEU D 20 -12.19 -6.20 0.15
N LYS D 21 -11.93 -6.44 -1.12
CA LYS D 21 -10.56 -6.48 -1.63
C LYS D 21 -9.72 -7.50 -0.88
N LEU D 22 -10.34 -8.62 -0.51
CA LEU D 22 -9.61 -9.62 0.25
C LEU D 22 -8.68 -10.42 -0.65
N SER D 23 -7.55 -10.80 -0.09
CA SER D 23 -6.56 -11.61 -0.79
C SER D 23 -6.87 -13.08 -0.52
N LYS D 24 -6.30 -13.98 -1.32
CA LYS D 24 -6.63 -15.39 -1.16
C LYS D 24 -6.38 -15.86 0.26
N TRP D 25 -5.26 -15.47 0.85
CA TRP D 25 -5.04 -15.86 2.23
C TRP D 25 -6.02 -15.18 3.17
N GLN D 26 -6.40 -13.95 2.88
CA GLN D 26 -7.37 -13.29 3.75
C GLN D 26 -8.72 -13.96 3.67
N TYR D 27 -9.16 -14.38 2.50
CA TYR D 27 -10.44 -15.06 2.43
C TYR D 27 -10.37 -16.44 3.04
N ILE D 28 -9.27 -17.15 2.86
CA ILE D 28 -9.17 -18.47 3.50
C ILE D 28 -9.19 -18.33 5.01
N THR D 29 -8.52 -17.32 5.55
CA THR D 29 -8.61 -17.07 6.99
C THR D 29 -10.02 -16.66 7.39
N LEU D 30 -10.67 -15.82 6.59
CA LEU D 30 -12.02 -15.39 6.93
C LEU D 30 -12.96 -16.57 6.99
N ARG D 31 -12.74 -17.55 6.12
CA ARG D 31 -13.57 -18.75 6.19
C ARG D 31 -13.20 -19.58 7.40
N GLU D 32 -11.92 -19.88 7.57
CA GLU D 32 -11.53 -20.81 8.61
C GLU D 32 -11.88 -20.28 9.99
N THR D 33 -11.64 -18.99 10.25
CA THR D 33 -11.96 -18.45 11.55
C THR D 33 -13.43 -18.66 11.88
N THR D 34 -14.31 -18.13 11.05
CA THR D 34 -15.72 -18.30 11.33
C THR D 34 -16.19 -19.74 11.18
N ILE D 35 -15.33 -20.64 10.71
CA ILE D 35 -15.65 -22.05 10.83
C ILE D 35 -15.36 -22.54 12.23
N ARG D 36 -14.24 -22.10 12.81
CA ARG D 36 -13.88 -22.52 14.16
C ARG D 36 -14.84 -21.98 15.20
N GLU D 37 -15.56 -20.90 14.91
CA GLU D 37 -16.57 -20.45 15.85
C GLU D 37 -17.83 -21.30 15.81
N GLY D 38 -17.86 -22.33 14.97
CA GLY D 38 -18.93 -23.30 14.94
C GLY D 38 -19.84 -23.17 13.74
N SER D 39 -20.07 -21.95 13.27
CA SER D 39 -21.00 -21.70 12.18
C SER D 39 -20.38 -22.24 10.90
N LYS D 40 -20.96 -23.31 10.35
CA LYS D 40 -20.26 -24.06 9.32
C LYS D 40 -20.62 -23.64 7.91
N GLU D 41 -21.85 -23.19 7.69
CA GLU D 41 -22.34 -23.01 6.33
C GLU D 41 -22.33 -21.56 5.88
N ILE D 42 -21.37 -20.76 6.37
CA ILE D 42 -21.34 -19.34 6.05
C ILE D 42 -20.71 -19.07 4.70
N TYR D 43 -19.44 -19.43 4.52
CA TYR D 43 -18.80 -19.07 3.27
C TYR D 43 -18.40 -20.30 2.49
N PRO D 44 -18.29 -20.19 1.18
CA PRO D 44 -17.80 -21.31 0.38
C PRO D 44 -16.29 -21.41 0.48
N SER D 45 -15.80 -22.64 0.42
CA SER D 45 -14.39 -22.87 0.36
C SER D 45 -13.81 -22.27 -0.91
N TYR D 46 -12.60 -21.73 -0.80
CA TYR D 46 -12.00 -21.01 -1.91
C TYR D 46 -11.98 -21.81 -3.20
N TYR D 47 -12.08 -23.13 -3.12
CA TYR D 47 -12.20 -23.90 -4.34
C TYR D 47 -13.44 -23.49 -5.11
N LYS D 48 -14.56 -23.38 -4.41
CA LYS D 48 -15.81 -22.95 -5.03
C LYS D 48 -15.71 -21.53 -5.56
N VAL D 49 -15.10 -20.63 -4.80
CA VAL D 49 -14.95 -19.26 -5.28
C VAL D 49 -14.15 -19.25 -6.56
N GLN D 50 -13.12 -20.09 -6.67
CA GLN D 50 -12.41 -20.17 -7.93
C GLN D 50 -13.34 -20.68 -9.03
N LYS D 51 -14.11 -21.70 -8.72
CA LYS D 51 -14.99 -22.26 -9.73
C LYS D 51 -15.94 -21.18 -10.20
N ALA D 52 -16.36 -20.32 -9.28
CA ALA D 52 -17.29 -19.27 -9.63
C ALA D 52 -16.64 -18.17 -10.43
N LYS D 53 -15.37 -17.89 -10.20
CA LYS D 53 -14.65 -17.01 -11.10
C LYS D 53 -14.57 -17.61 -12.49
N LEU D 54 -14.44 -18.93 -12.59
CA LEU D 54 -14.28 -19.56 -13.89
C LEU D 54 -15.46 -19.30 -14.81
N GLN D 55 -16.62 -18.98 -14.26
CA GLN D 55 -17.78 -18.72 -15.10
C GLN D 55 -17.77 -17.31 -15.68
N CYS D 56 -17.04 -16.39 -15.08
CA CYS D 56 -17.03 -15.01 -15.52
C CYS D 56 -16.07 -14.75 -16.67
N TYR D 57 -15.27 -15.72 -17.04
CA TYR D 57 -14.23 -15.52 -18.04
C TYR D 57 -14.73 -15.81 -19.44
N PRO D 58 -14.09 -15.25 -20.45
CA PRO D 58 -14.25 -15.75 -21.78
C PRO D 58 -13.51 -17.06 -21.93
N PRO D 59 -13.92 -17.93 -22.83
CA PRO D 59 -13.18 -19.17 -23.04
C PRO D 59 -11.73 -18.90 -23.36
N LYS D 60 -10.85 -19.78 -22.89
CA LYS D 60 -9.41 -19.56 -22.94
C LYS D 60 -8.86 -19.41 -24.36
N ALA D 61 -9.65 -19.71 -25.39
CA ALA D 61 -9.10 -19.67 -26.73
C ALA D 61 -9.02 -18.25 -27.26
N PHE D 62 -9.75 -17.31 -26.65
CA PHE D 62 -9.90 -15.98 -27.20
C PHE D 62 -9.21 -14.90 -26.38
N VAL D 63 -8.59 -15.25 -25.27
CA VAL D 63 -7.84 -14.30 -24.45
C VAL D 63 -6.36 -14.61 -24.59
N ALA D 64 -5.62 -13.69 -25.20
CA ALA D 64 -4.19 -13.88 -25.44
C ALA D 64 -3.44 -12.87 -24.60
N VAL D 65 -2.51 -13.36 -23.79
CA VAL D 65 -1.73 -12.51 -22.90
C VAL D 65 -0.26 -12.65 -23.27
N THR D 66 0.44 -11.54 -23.32
CA THR D 66 1.87 -11.47 -23.57
C THR D 66 2.48 -10.63 -22.46
N ASP D 67 3.81 -10.70 -22.33
CA ASP D 67 4.48 -9.95 -21.27
C ASP D 67 4.14 -8.47 -21.32
N SER D 68 3.73 -7.97 -22.48
CA SER D 68 3.39 -6.56 -22.61
C SER D 68 1.90 -6.31 -22.65
N SER D 69 1.12 -7.17 -23.31
CA SER D 69 -0.27 -6.87 -23.62
C SER D 69 -1.17 -8.03 -23.25
N ALA D 70 -2.47 -7.73 -23.20
CA ALA D 70 -3.47 -8.75 -22.95
C ALA D 70 -4.73 -8.33 -23.67
N LYS D 71 -5.23 -9.17 -24.57
CA LYS D 71 -6.38 -8.82 -25.38
C LYS D 71 -7.35 -9.97 -25.46
N ILE D 72 -8.63 -9.61 -25.51
CA ILE D 72 -9.73 -10.54 -25.56
C ILE D 72 -10.40 -10.38 -26.91
N ALA D 73 -10.72 -11.50 -27.54
CA ALA D 73 -11.46 -11.40 -28.79
C ALA D 73 -12.79 -10.71 -28.54
N LEU D 74 -12.97 -9.54 -29.15
CA LEU D 74 -14.15 -8.73 -28.88
C LEU D 74 -15.43 -9.53 -29.04
N GLN D 75 -15.48 -10.40 -30.06
CA GLN D 75 -16.66 -11.23 -30.25
C GLN D 75 -16.94 -12.07 -29.02
N ALA D 76 -15.92 -12.74 -28.49
CA ALA D 76 -16.13 -13.58 -27.32
C ALA D 76 -16.50 -12.76 -26.11
N LEU D 77 -15.91 -11.57 -25.96
CA LEU D 77 -16.25 -10.73 -24.83
C LEU D 77 -17.71 -10.33 -24.86
N LEU D 78 -18.20 -9.93 -26.02
CA LEU D 78 -19.61 -9.57 -26.10
C LEU D 78 -20.50 -10.78 -25.88
N ASP D 79 -20.11 -11.94 -26.42
CA ASP D 79 -20.88 -13.15 -26.17
C ASP D 79 -20.99 -13.40 -24.67
N LEU D 80 -19.88 -13.26 -23.96
CA LEU D 80 -19.89 -13.48 -22.51
C LEU D 80 -20.79 -12.47 -21.80
N THR D 81 -20.69 -11.20 -22.17
CA THR D 81 -21.53 -10.21 -21.53
C THR D 81 -23.01 -10.51 -21.72
N VAL D 82 -23.40 -10.85 -22.94
CA VAL D 82 -24.80 -11.19 -23.17
C VAL D 82 -25.18 -12.42 -22.36
N ASN D 83 -24.28 -13.40 -22.30
CA ASN D 83 -24.58 -14.62 -21.55
C ASN D 83 -24.86 -14.29 -20.09
N ARG D 84 -24.02 -13.45 -19.47
CA ARG D 84 -24.25 -13.10 -18.08
C ARG D 84 -25.58 -12.38 -17.89
N ILE D 85 -25.81 -11.35 -18.71
CA ILE D 85 -27.05 -10.61 -18.62
C ILE D 85 -28.23 -11.55 -18.64
N PHE D 86 -28.31 -12.40 -19.66
CA PHE D 86 -29.46 -13.29 -19.74
C PHE D 86 -29.49 -14.30 -18.60
N GLU D 87 -28.33 -14.81 -18.19
CA GLU D 87 -28.34 -15.79 -17.12
C GLU D 87 -29.07 -15.26 -15.91
N THR D 88 -28.72 -14.07 -15.46
CA THR D 88 -29.19 -13.75 -14.12
C THR D 88 -30.02 -12.49 -14.02
N ILE D 89 -29.90 -11.55 -14.94
CA ILE D 89 -30.47 -10.24 -14.64
C ILE D 89 -31.87 -10.13 -15.26
N ARG D 90 -32.41 -11.25 -15.72
CA ARG D 90 -33.75 -11.24 -16.28
C ARG D 90 -34.67 -12.21 -15.56
N SER D 91 -35.96 -11.91 -15.60
CA SER D 91 -36.98 -12.93 -15.45
C SER D 91 -37.22 -13.49 -16.85
N PRO D 92 -36.62 -14.64 -17.16
CA PRO D 92 -36.43 -15.00 -18.57
C PRO D 92 -37.68 -15.53 -19.24
N ASP D 93 -37.55 -15.78 -20.55
CA ASP D 93 -38.56 -16.43 -21.37
C ASP D 93 -39.82 -15.59 -21.54
N ALA D 94 -39.80 -14.36 -21.05
CA ALA D 94 -40.90 -13.43 -21.30
C ALA D 94 -40.82 -12.83 -22.70
N ILE D 95 -39.76 -13.10 -23.43
CA ILE D 95 -39.55 -12.61 -24.78
C ILE D 95 -38.97 -13.75 -25.61
N GLN D 96 -39.80 -14.36 -26.44
CA GLN D 96 -39.41 -15.54 -27.19
C GLN D 96 -39.41 -15.32 -28.70
N ASN D 97 -40.13 -14.31 -29.16
CA ASN D 97 -40.14 -13.95 -30.57
C ASN D 97 -39.52 -12.60 -30.84
N LYS D 98 -39.58 -11.69 -29.88
CA LYS D 98 -39.14 -10.32 -30.09
C LYS D 98 -37.69 -10.28 -30.54
N GLN D 99 -37.33 -9.21 -31.23
CA GLN D 99 -35.96 -9.03 -31.69
C GLN D 99 -35.14 -8.35 -30.62
N LEU D 100 -33.89 -8.79 -30.47
CA LEU D 100 -33.07 -8.40 -29.33
C LEU D 100 -31.82 -7.67 -29.78
N ILE D 101 -31.65 -6.45 -29.26
CA ILE D 101 -30.56 -5.55 -29.61
C ILE D 101 -29.86 -5.11 -28.34
N LEU D 102 -28.55 -5.28 -28.27
CA LEU D 102 -27.74 -4.82 -27.17
C LEU D 102 -26.93 -3.61 -27.63
N ILE D 103 -27.25 -2.44 -27.10
CA ILE D 103 -26.54 -1.22 -27.44
C ILE D 103 -25.42 -1.00 -26.44
N SER D 104 -24.23 -0.74 -26.96
CA SER D 104 -23.04 -0.68 -26.12
C SER D 104 -22.13 0.43 -26.59
N LYS D 105 -21.51 1.12 -25.64
CA LYS D 105 -20.53 2.13 -25.97
C LYS D 105 -19.15 1.56 -25.71
N TRP D 106 -18.13 2.16 -26.28
CA TRP D 106 -16.78 1.71 -26.05
C TRP D 106 -15.80 2.85 -26.24
N GLY D 107 -14.54 2.56 -26.03
CA GLY D 107 -13.54 3.60 -26.15
C GLY D 107 -12.21 3.08 -25.68
N PHE D 108 -11.29 3.99 -25.40
CA PHE D 108 -10.03 3.62 -24.78
C PHE D 108 -9.38 4.85 -24.16
N ASP D 109 -8.50 4.61 -23.20
CA ASP D 109 -7.77 5.69 -22.54
C ASP D 109 -6.44 5.19 -22.03
N GLY D 110 -5.43 6.04 -22.10
CA GLY D 110 -4.16 5.70 -21.51
C GLY D 110 -3.96 6.34 -20.15
N ALA D 111 -3.34 5.58 -19.27
CA ALA D 111 -3.06 6.06 -17.92
C ALA D 111 -1.57 5.96 -17.66
N SER D 112 -1.09 6.76 -16.73
CA SER D 112 0.34 6.84 -16.40
C SER D 112 0.52 6.47 -14.94
N ASN D 113 0.86 5.22 -14.67
CA ASN D 113 1.00 4.74 -13.30
C ASN D 113 2.40 5.09 -12.82
N GLN D 114 2.48 5.97 -11.83
CA GLN D 114 3.77 6.43 -11.32
C GLN D 114 4.22 5.60 -10.13
N GLY D 126 8.89 -0.89 -19.62
CA GLY D 126 8.48 -0.86 -18.23
C GLY D 126 7.07 -0.35 -18.08
N ASP D 127 6.46 -0.60 -16.92
CA ASP D 127 5.05 -0.26 -16.70
C ASP D 127 4.91 1.23 -16.40
N SER D 128 5.32 2.04 -17.38
CA SER D 128 5.20 3.47 -17.21
C SER D 128 3.80 3.97 -17.54
N SER D 129 3.10 3.28 -18.43
CA SER D 129 1.76 3.70 -18.82
C SER D 129 1.05 2.52 -19.46
N ILE D 130 -0.27 2.55 -19.41
CA ILE D 130 -1.10 1.46 -19.92
C ILE D 130 -2.12 2.06 -20.87
N PHE D 131 -2.33 1.40 -22.00
CA PHE D 131 -3.28 1.84 -23.01
C PHE D 131 -4.40 0.81 -23.10
N MET D 132 -5.51 1.07 -22.41
CA MET D 132 -6.56 0.07 -22.32
C MET D 132 -7.80 0.49 -23.08
N THR D 133 -8.35 -0.48 -23.82
CA THR D 133 -9.61 -0.36 -24.54
C THR D 133 -10.71 -0.90 -23.65
N SER D 134 -11.82 -0.20 -23.57
CA SER D 134 -12.91 -0.61 -22.69
C SER D 134 -14.22 -0.58 -23.44
N LEU D 135 -15.19 -1.31 -22.90
CA LEU D 135 -16.50 -1.48 -23.51
C LEU D 135 -17.53 -1.53 -22.39
N VAL D 136 -18.59 -0.75 -22.52
CA VAL D 136 -19.65 -0.74 -21.52
C VAL D 136 -20.98 -1.05 -22.19
N PRO D 137 -21.65 -2.14 -21.85
CA PRO D 137 -22.98 -2.36 -22.39
C PRO D 137 -23.96 -1.43 -21.70
N LEU D 138 -24.69 -0.63 -22.48
CA LEU D 138 -25.56 0.37 -21.91
C LEU D 138 -27.00 -0.11 -21.77
N LYS D 139 -27.48 -0.87 -22.74
CA LYS D 139 -28.91 -1.08 -22.86
C LYS D 139 -29.15 -2.34 -23.69
N LEU D 140 -29.98 -3.23 -23.20
CA LEU D 140 -30.41 -4.40 -23.93
C LEU D 140 -31.91 -4.30 -24.13
N THR D 141 -32.32 -4.25 -25.39
CA THR D 141 -33.65 -3.84 -25.79
C THR D 141 -34.30 -4.96 -26.58
N ALA D 142 -35.58 -5.21 -26.31
CA ALA D 142 -36.34 -6.25 -27.00
C ALA D 142 -37.36 -5.58 -27.90
N ASP D 143 -37.13 -5.66 -29.21
CA ASP D 143 -38.07 -5.15 -30.21
C ASP D 143 -38.44 -3.70 -29.93
N GLY D 144 -37.45 -2.90 -29.55
CA GLY D 144 -37.66 -1.51 -29.22
C GLY D 144 -37.96 -1.25 -27.78
N ASP D 145 -38.28 -2.28 -26.99
CA ASP D 145 -38.64 -2.13 -25.59
C ASP D 145 -37.54 -2.61 -24.67
N THR D 146 -37.39 -1.92 -23.55
CA THR D 146 -36.25 -2.08 -22.67
C THR D 146 -36.38 -3.33 -21.80
N VAL D 147 -35.35 -4.17 -21.82
CA VAL D 147 -35.23 -5.31 -20.95
C VAL D 147 -34.22 -5.05 -19.84
N TRP D 148 -33.04 -4.54 -20.19
CA TRP D 148 -32.02 -4.27 -19.19
C TRP D 148 -31.35 -2.94 -19.48
N VAL D 149 -31.07 -2.18 -18.44
CA VAL D 149 -30.35 -0.93 -18.58
C VAL D 149 -29.08 -0.99 -17.77
N ASN D 150 -28.19 -0.06 -18.04
CA ASN D 150 -27.04 0.13 -17.19
C ASN D 150 -27.37 1.22 -16.17
N PRO D 151 -27.45 0.90 -14.89
CA PRO D 151 -27.92 1.91 -13.92
C PRO D 151 -27.02 3.12 -13.80
N LYS D 152 -25.71 2.98 -13.97
CA LYS D 152 -24.80 4.12 -13.95
C LYS D 152 -23.86 4.03 -15.14
N PRO D 153 -24.30 4.48 -16.31
CA PRO D 153 -23.48 4.32 -17.51
C PRO D 153 -22.23 5.16 -17.53
N CYS D 154 -22.00 5.98 -16.52
CA CYS D 154 -20.78 6.78 -16.44
C CYS D 154 -19.92 6.40 -15.25
N SER D 155 -20.06 5.19 -14.74
CA SER D 155 -19.36 4.69 -13.58
C SER D 155 -18.70 3.37 -13.93
N PRO D 156 -17.64 2.98 -13.21
CA PRO D 156 -16.86 1.82 -13.64
C PRO D 156 -17.57 0.48 -13.46
N MET D 157 -18.79 0.47 -12.95
CA MET D 157 -19.34 -0.81 -12.52
C MET D 157 -19.61 -1.78 -13.66
N TYR D 158 -19.57 -1.35 -14.92
CA TYR D 158 -19.71 -2.36 -15.97
C TYR D 158 -18.70 -2.20 -17.07
N CYS D 159 -17.57 -1.57 -16.79
CA CYS D 159 -16.57 -1.28 -17.82
C CYS D 159 -15.75 -2.54 -18.08
N ARG D 160 -16.16 -3.34 -19.09
CA ARG D 160 -15.40 -4.54 -19.42
C ARG D 160 -14.15 -4.16 -20.18
N PRO D 161 -13.05 -4.89 -19.99
CA PRO D 161 -11.85 -4.62 -20.78
C PRO D 161 -11.91 -5.36 -22.10
N VAL D 162 -11.27 -4.77 -23.11
CA VAL D 162 -11.00 -5.48 -24.35
C VAL D 162 -9.52 -5.77 -24.51
N GLN D 163 -8.67 -4.82 -24.14
CA GLN D 163 -7.24 -4.98 -24.29
C GLN D 163 -6.54 -3.95 -23.45
N PHE D 164 -5.46 -4.34 -22.79
CA PHE D 164 -4.54 -3.35 -22.26
C PHE D 164 -3.12 -3.73 -22.66
N SER D 165 -2.24 -2.74 -22.65
CA SER D 165 -0.87 -2.95 -23.09
C SER D 165 0.02 -1.93 -22.41
N PHE D 166 1.22 -2.37 -22.06
CA PHE D 166 2.19 -1.49 -21.43
C PHE D 166 3.00 -0.75 -22.49
N VAL D 167 2.31 0.11 -23.24
CA VAL D 167 2.94 0.94 -24.25
C VAL D 167 2.48 2.38 -24.03
N LYS D 168 3.44 3.27 -23.87
CA LYS D 168 3.10 4.67 -23.64
C LYS D 168 2.25 5.19 -24.78
N GLU D 169 1.16 5.84 -24.43
CA GLU D 169 0.19 6.27 -25.43
C GLU D 169 0.80 7.27 -26.41
N THR D 170 0.77 6.93 -27.69
CA THR D 170 1.25 7.83 -28.73
C THR D 170 0.13 8.03 -29.73
N LYS D 171 0.38 8.87 -30.72
CA LYS D 171 -0.66 9.10 -31.72
C LYS D 171 -0.80 7.89 -32.65
N ASP D 172 0.31 7.26 -33.02
CA ASP D 172 0.24 6.17 -33.96
C ASP D 172 -0.38 4.91 -33.38
N VAL D 173 -0.13 4.61 -32.11
CA VAL D 173 -0.75 3.45 -31.50
C VAL D 173 -2.26 3.61 -31.41
N VAL D 174 -2.76 4.83 -31.23
CA VAL D 174 -4.20 5.01 -31.16
C VAL D 174 -4.84 4.70 -32.49
N ILE D 175 -4.19 5.09 -33.59
CA ILE D 175 -4.73 4.76 -34.91
C ILE D 175 -4.63 3.27 -35.18
N ASN D 176 -3.48 2.67 -34.87
CA ASN D 176 -3.31 1.24 -35.05
C ASN D 176 -4.24 0.43 -34.18
N GLU D 177 -4.79 1.01 -33.13
CA GLU D 177 -5.82 0.37 -32.33
C GLU D 177 -7.22 0.63 -32.84
N LYS D 178 -7.52 1.85 -33.28
CA LYS D 178 -8.85 2.10 -33.80
C LYS D 178 -9.12 1.29 -35.05
N THR D 179 -8.18 1.28 -35.99
CA THR D 179 -8.38 0.46 -37.19
C THR D 179 -8.50 -1.01 -36.84
N ALA D 180 -7.68 -1.50 -35.91
CA ALA D 180 -7.76 -2.90 -35.54
C ALA D 180 -9.10 -3.25 -34.90
N MET D 181 -9.60 -2.40 -34.01
CA MET D 181 -10.88 -2.69 -33.37
C MET D 181 -12.03 -2.55 -34.35
N ASP D 182 -11.94 -1.58 -35.26
CA ASP D 182 -13.03 -1.41 -36.21
C ASP D 182 -13.08 -2.53 -37.23
N ASP D 183 -11.93 -3.05 -37.67
CA ASP D 183 -11.95 -4.18 -38.57
C ASP D 183 -12.52 -5.41 -37.91
N GLU D 184 -12.70 -5.39 -36.60
CA GLU D 184 -13.37 -6.47 -35.89
C GLU D 184 -14.83 -6.17 -35.59
N ILE D 185 -15.17 -4.92 -35.31
CA ILE D 185 -16.56 -4.57 -35.11
C ILE D 185 -17.36 -4.86 -36.37
N GLU D 186 -16.79 -4.58 -37.53
CA GLU D 186 -17.47 -4.86 -38.78
C GLU D 186 -17.72 -6.34 -38.97
N ALA D 187 -16.90 -7.19 -38.38
CA ALA D 187 -16.97 -8.61 -38.66
C ALA D 187 -17.84 -9.38 -37.68
N LEU D 188 -18.26 -8.79 -36.57
CA LEU D 188 -18.95 -9.55 -35.55
C LEU D 188 -20.39 -9.85 -35.98
N VAL D 189 -20.76 -11.12 -35.91
CA VAL D 189 -22.12 -11.56 -36.22
C VAL D 189 -22.84 -11.64 -34.88
N PRO D 190 -24.18 -11.71 -34.85
CA PRO D 190 -24.88 -11.67 -33.57
C PRO D 190 -24.54 -12.86 -32.69
N SER D 191 -24.68 -12.67 -31.39
CA SER D 191 -24.33 -13.68 -30.40
C SER D 191 -25.58 -14.37 -29.90
N LYS D 192 -25.50 -15.68 -29.72
CA LYS D 192 -26.64 -16.52 -29.37
C LYS D 192 -26.56 -16.89 -27.91
N CYS D 193 -27.71 -16.96 -27.24
CA CYS D 193 -27.75 -17.42 -25.86
C CYS D 193 -29.15 -17.90 -25.50
N GLN D 194 -29.21 -19.09 -24.91
CA GLN D 194 -30.45 -19.76 -24.52
C GLN D 194 -31.54 -19.59 -25.58
N GLY D 195 -31.14 -19.83 -26.83
CA GLY D 195 -32.06 -19.82 -27.94
C GLY D 195 -32.33 -18.47 -28.54
N HIS D 196 -32.20 -17.39 -27.78
CA HIS D 196 -32.38 -16.08 -28.36
C HIS D 196 -31.12 -15.69 -29.14
N GLU D 197 -31.30 -14.72 -30.04
CA GLU D 197 -30.22 -14.23 -30.88
C GLU D 197 -30.15 -12.71 -30.72
N ILE D 198 -29.08 -12.23 -30.10
CA ILE D 198 -28.93 -10.82 -29.78
C ILE D 198 -27.93 -10.22 -30.75
N SER D 199 -28.26 -9.04 -31.29
CA SER D 199 -27.35 -8.32 -32.17
C SER D 199 -26.81 -7.08 -31.46
N HIS D 200 -25.53 -6.80 -31.67
CA HIS D 200 -24.85 -5.73 -30.96
C HIS D 200 -24.81 -4.47 -31.81
N LYS D 201 -24.88 -3.33 -31.13
CA LYS D 201 -24.76 -2.01 -31.76
C LYS D 201 -23.73 -1.23 -30.96
N LEU D 202 -22.53 -1.08 -31.51
CA LEU D 202 -21.41 -0.51 -30.80
C LEU D 202 -21.22 0.95 -31.22
N MET D 203 -20.94 1.80 -30.25
CA MET D 203 -20.71 3.22 -30.49
C MET D 203 -19.40 3.63 -29.83
N MET D 204 -18.47 4.17 -30.62
CA MET D 204 -17.21 4.61 -30.04
C MET D 204 -17.45 5.95 -29.36
N THR D 205 -17.71 5.92 -28.07
CA THR D 205 -18.04 7.13 -27.35
C THR D 205 -17.10 7.44 -26.22
N MET D 206 -16.34 6.46 -25.72
CA MET D 206 -15.48 6.67 -24.56
C MET D 206 -14.13 7.19 -25.03
N ILE D 207 -14.14 8.42 -25.52
CA ILE D 207 -12.97 9.04 -26.11
C ILE D 207 -12.61 10.27 -25.29
N ASP D 208 -11.39 10.29 -24.77
CA ASP D 208 -10.87 11.41 -24.02
C ASP D 208 -10.61 12.60 -24.95
N GLY D 209 -10.09 13.68 -24.37
CA GLY D 209 -9.83 14.86 -25.18
C GLY D 209 -8.72 14.65 -26.19
N LYS D 210 -7.53 14.30 -25.73
CA LYS D 210 -6.39 14.27 -26.64
C LYS D 210 -6.52 13.14 -27.65
N ILE D 211 -7.25 12.08 -27.31
CA ILE D 211 -7.53 11.07 -28.32
C ILE D 211 -8.46 11.62 -29.38
N CYS D 212 -9.42 12.46 -28.97
CA CYS D 212 -10.23 13.15 -29.94
C CYS D 212 -9.39 14.00 -30.88
N THR D 213 -8.37 14.66 -30.35
CA THR D 213 -7.47 15.40 -31.22
C THR D 213 -6.69 14.46 -32.15
N TYR D 214 -6.19 13.35 -31.62
CA TYR D 214 -5.40 12.44 -32.44
C TYR D 214 -6.20 11.90 -33.60
N LEU D 215 -7.48 11.59 -33.36
CA LEU D 215 -8.30 10.97 -34.40
C LEU D 215 -8.93 12.03 -35.29
N SER D 216 -8.59 13.30 -35.09
CA SER D 216 -9.32 14.37 -35.76
C SER D 216 -8.93 14.49 -37.23
N GLU D 217 -8.25 13.48 -37.76
CA GLU D 217 -7.69 13.58 -39.11
C GLU D 217 -8.74 13.30 -40.19
N ALA D 218 -9.78 14.12 -40.23
CA ALA D 218 -10.73 14.17 -41.33
C ALA D 218 -10.68 15.51 -42.05
N LYS D 219 -9.50 16.13 -42.11
CA LYS D 219 -9.27 17.58 -42.23
C LYS D 219 -10.28 18.23 -43.16
N SER D 220 -10.44 17.75 -44.40
CA SER D 220 -11.26 18.45 -45.38
C SER D 220 -12.07 17.44 -46.18
N ASN D 221 -13.26 17.86 -46.61
CA ASN D 221 -14.18 17.04 -47.38
C ASN D 221 -14.80 17.91 -48.46
N ALA D 222 -15.69 17.31 -49.26
CA ALA D 222 -16.44 18.06 -50.26
C ALA D 222 -17.36 19.06 -49.58
N ALA D 223 -18.02 19.88 -50.41
CA ALA D 223 -18.98 20.90 -49.96
C ALA D 223 -19.89 20.24 -48.93
N CYS D 224 -20.52 19.11 -49.23
CA CYS D 224 -21.20 18.32 -48.22
C CYS D 224 -21.44 16.91 -48.76
N TYR D 225 -21.13 15.89 -47.97
CA TYR D 225 -21.44 14.53 -48.40
C TYR D 225 -22.96 14.33 -48.41
N LEU D 226 -23.65 14.97 -47.46
CA LEU D 226 -25.10 14.84 -47.40
C LEU D 226 -25.79 15.93 -48.22
N CYS D 227 -25.44 17.20 -47.98
CA CYS D 227 -26.16 18.32 -48.54
C CYS D 227 -25.74 18.67 -49.96
N LEU D 228 -24.53 18.27 -50.38
CA LEU D 228 -24.03 18.52 -51.74
C LEU D 228 -24.11 19.98 -52.14
N LEU D 237 -32.81 23.17 -49.14
CA LEU D 237 -31.86 22.06 -49.08
C LEU D 237 -32.55 20.80 -48.54
N ASP D 238 -32.19 19.65 -49.12
CA ASP D 238 -32.81 18.37 -48.79
C ASP D 238 -31.75 17.39 -48.28
N VAL D 239 -32.20 16.39 -47.53
CA VAL D 239 -31.29 15.54 -46.78
C VAL D 239 -31.21 14.16 -47.46
N ILE D 240 -31.76 14.05 -48.66
CA ILE D 240 -32.04 12.77 -49.32
C ILE D 240 -30.81 11.85 -49.36
N ALA D 241 -29.61 12.42 -49.29
CA ALA D 241 -28.39 11.64 -49.16
C ALA D 241 -28.39 10.98 -47.79
N SER D 242 -28.48 9.65 -47.78
CA SER D 242 -28.76 8.91 -46.55
C SER D 242 -27.52 8.78 -45.68
N LYS D 243 -27.70 8.12 -44.54
CA LYS D 243 -26.68 7.98 -43.52
C LYS D 243 -26.29 6.52 -43.36
N THR D 244 -24.99 6.26 -43.27
CA THR D 244 -24.47 4.94 -42.89
C THR D 244 -23.74 5.09 -41.56
N ILE D 245 -24.06 4.21 -40.61
CA ILE D 245 -23.77 4.45 -39.20
C ILE D 245 -22.64 3.58 -38.68
N SER D 246 -22.29 2.51 -39.39
CA SER D 246 -21.28 1.60 -38.88
C SER D 246 -19.91 2.28 -38.81
N SER D 247 -19.06 1.75 -37.93
CA SER D 247 -17.67 2.17 -37.75
C SER D 247 -17.54 3.60 -37.21
N GLY D 248 -18.66 4.23 -36.88
CA GLY D 248 -18.65 5.43 -36.04
C GLY D 248 -18.07 6.70 -36.65
N VAL D 249 -17.47 6.60 -37.84
CA VAL D 249 -16.68 7.68 -38.42
C VAL D 249 -17.47 8.98 -38.48
N TYR D 250 -18.76 8.89 -38.79
CA TYR D 250 -19.58 10.09 -38.91
C TYR D 250 -19.66 10.83 -37.58
N GLU D 251 -20.25 10.19 -36.55
CA GLU D 251 -20.37 10.84 -35.24
C GLU D 251 -19.08 11.55 -34.84
N PHE D 252 -17.94 10.91 -35.07
CA PHE D 252 -16.69 11.59 -34.80
C PHE D 252 -16.58 12.85 -35.64
N GLY D 253 -16.49 12.70 -36.97
CA GLY D 253 -16.23 13.85 -37.82
C GLY D 253 -17.20 14.99 -37.56
N LEU D 254 -18.41 14.65 -37.12
CA LEU D 254 -19.42 15.68 -36.91
C LEU D 254 -19.24 16.36 -35.56
N SER D 255 -19.28 15.60 -34.47
CA SER D 255 -19.38 16.22 -33.16
C SER D 255 -18.38 15.70 -32.14
N THR D 256 -17.28 15.09 -32.59
CA THR D 256 -16.43 14.25 -31.72
C THR D 256 -16.17 14.86 -30.36
N LEU D 257 -15.96 16.16 -30.28
CA LEU D 257 -15.90 16.83 -28.99
C LEU D 257 -16.35 18.28 -29.14
N ALA D 259 -16.46 19.97 -34.39
CA ALA D 259 -16.43 19.84 -32.94
C ALA D 259 -15.81 21.06 -32.30
N ARG D 260 -15.09 20.85 -31.19
CA ARG D 260 -14.57 21.98 -30.44
C ARG D 260 -13.47 22.71 -31.19
N ILE D 261 -12.73 22.01 -32.03
CA ILE D 261 -11.57 22.62 -32.68
C ILE D 261 -11.97 23.32 -33.97
N ASN D 262 -12.61 22.58 -34.88
CA ASN D 262 -12.91 23.05 -36.21
C ASN D 262 -13.93 24.18 -36.25
N VAL D 263 -14.62 24.45 -35.15
CA VAL D 263 -15.42 25.66 -35.10
C VAL D 263 -14.55 26.84 -34.68
N MET D 264 -13.60 26.62 -33.79
CA MET D 264 -12.78 27.72 -33.32
C MET D 264 -11.81 28.17 -34.40
N GLU D 265 -11.29 27.24 -35.20
CA GLU D 265 -10.44 27.66 -36.32
C GLU D 265 -11.22 28.49 -37.33
N CYS D 266 -12.46 28.13 -37.63
CA CYS D 266 -13.24 28.92 -38.57
C CYS D 266 -13.59 30.27 -37.98
N LEU D 267 -13.91 30.32 -36.69
CA LEU D 267 -14.18 31.59 -36.05
C LEU D 267 -12.95 32.48 -36.10
N LEU D 268 -11.76 31.89 -35.98
CA LEU D 268 -10.55 32.67 -36.14
C LEU D 268 -10.33 33.11 -37.57
N HIS D 269 -10.71 32.29 -38.55
CA HIS D 269 -10.62 32.74 -39.94
C HIS D 269 -11.53 33.93 -40.19
N ILE D 270 -12.71 33.94 -39.58
CA ILE D 270 -13.55 35.14 -39.64
C ILE D 270 -12.85 36.30 -38.95
N ALA D 271 -12.32 36.08 -37.76
CA ALA D 271 -11.72 37.14 -36.96
C ALA D 271 -10.54 37.81 -37.64
N TYR D 272 -10.06 37.28 -38.77
CA TYR D 272 -8.95 37.91 -39.46
C TYR D 272 -9.32 38.49 -40.82
N ARG D 273 -10.38 38.00 -41.46
CA ARG D 273 -10.93 38.64 -42.65
C ARG D 273 -11.98 39.67 -42.28
N LEU D 274 -11.95 40.15 -41.04
CA LEU D 274 -13.02 40.97 -40.48
C LEU D 274 -13.10 42.35 -41.14
N ASP D 275 -11.98 43.07 -41.27
CA ASP D 275 -12.04 44.44 -41.75
C ASP D 275 -12.47 44.50 -43.21
N PHE D 276 -12.38 43.39 -43.92
CA PHE D 276 -12.49 43.40 -45.37
C PHE D 276 -13.71 42.68 -45.92
N LYS D 277 -14.26 41.71 -45.18
CA LYS D 277 -15.50 41.03 -45.55
C LYS D 277 -15.39 40.32 -46.90
N LYS D 278 -14.38 39.45 -47.03
CA LYS D 278 -14.21 38.64 -48.22
C LYS D 278 -13.71 37.26 -47.82
N TRP D 279 -14.33 36.22 -48.40
CA TRP D 279 -13.93 34.85 -48.04
C TRP D 279 -12.76 34.38 -48.88
N SER D 280 -12.77 34.65 -50.18
CA SER D 280 -11.66 34.33 -51.08
C SER D 280 -10.72 35.53 -51.04
N ALA D 281 -9.69 35.44 -50.20
CA ALA D 281 -8.91 36.59 -49.77
C ALA D 281 -7.68 36.83 -50.64
N ARG D 282 -7.73 36.37 -51.89
CA ARG D 282 -6.68 36.70 -52.84
C ARG D 282 -6.87 38.09 -53.46
N GLY D 283 -7.78 38.90 -52.92
CA GLY D 283 -8.08 40.20 -53.47
C GLY D 283 -6.95 41.20 -53.34
N GLU D 284 -7.26 42.48 -53.53
CA GLU D 284 -6.24 43.52 -53.65
C GLU D 284 -5.65 43.86 -52.29
N GLY D 285 -4.41 43.45 -52.04
CA GLY D 285 -3.68 43.83 -50.86
C GLY D 285 -4.29 43.44 -49.54
N HIS D 286 -4.99 42.32 -49.47
CA HIS D 286 -5.69 41.97 -48.24
C HIS D 286 -4.82 41.12 -47.31
N GLN D 287 -4.14 40.11 -47.87
CA GLN D 287 -3.49 39.09 -47.06
C GLN D 287 -2.55 39.69 -46.01
N GLU D 288 -1.84 40.76 -46.36
CA GLU D 288 -0.88 41.34 -45.44
C GLU D 288 -1.56 41.97 -44.23
N LEU D 289 -2.61 42.75 -44.43
CA LEU D 289 -3.34 43.28 -43.29
C LEU D 289 -4.14 42.20 -42.57
N LEU D 290 -4.53 41.14 -43.28
CA LEU D 290 -5.05 39.95 -42.60
C LEU D 290 -4.06 39.45 -41.56
N HIS D 291 -2.80 39.28 -41.96
CA HIS D 291 -1.78 38.82 -41.02
C HIS D 291 -1.49 39.86 -39.94
N SER D 292 -1.58 41.16 -40.29
CA SER D 292 -1.31 42.19 -39.29
C SER D 292 -2.39 42.20 -38.20
N ARG D 293 -3.66 42.20 -38.58
CA ARG D 293 -4.71 42.07 -37.59
C ARG D 293 -4.63 40.74 -36.86
N LYS D 294 -4.18 39.69 -37.56
CA LYS D 294 -3.91 38.41 -36.92
C LYS D 294 -2.91 38.57 -35.78
N LYS D 295 -1.86 39.35 -36.01
CA LYS D 295 -0.87 39.61 -34.97
C LYS D 295 -1.44 40.45 -33.84
N LEU D 296 -2.27 41.44 -34.14
CA LEU D 296 -2.84 42.28 -33.09
C LEU D 296 -3.81 41.53 -32.18
N ILE D 297 -4.75 40.78 -32.76
CA ILE D 297 -5.68 39.99 -31.96
C ILE D 297 -4.92 38.96 -31.12
N GLN D 298 -3.90 38.34 -31.71
CA GLN D 298 -3.09 37.38 -30.97
C GLN D 298 -2.33 38.04 -29.84
N ASP D 299 -1.82 39.25 -30.04
CA ASP D 299 -1.16 39.98 -28.96
C ASP D 299 -2.12 40.24 -27.82
N ARG D 300 -3.30 40.76 -28.11
CA ARG D 300 -4.25 41.06 -27.04
C ARG D 300 -4.74 39.80 -26.33
N PHE D 301 -4.86 38.68 -27.05
CA PHE D 301 -5.31 37.46 -26.39
C PHE D 301 -4.20 36.84 -25.55
N LYS D 302 -2.98 36.79 -26.06
CA LYS D 302 -1.85 36.42 -25.22
C LYS D 302 -1.69 37.36 -24.03
N ASP D 303 -2.23 38.57 -24.13
CA ASP D 303 -2.24 39.51 -23.01
C ASP D 303 -3.27 39.14 -21.95
N ASP D 304 -4.52 38.85 -22.35
CA ASP D 304 -5.58 38.68 -21.35
C ASP D 304 -5.64 37.29 -20.71
N LEU D 305 -5.34 36.23 -21.45
CA LEU D 305 -5.35 34.89 -20.87
C LEU D 305 -3.99 34.22 -20.82
N ASN D 306 -2.97 34.75 -21.50
CA ASN D 306 -1.66 34.11 -21.61
C ASN D 306 -1.79 32.71 -22.21
N LEU D 307 -2.57 32.62 -23.28
CA LEU D 307 -2.72 31.36 -23.99
C LEU D 307 -2.45 31.57 -25.47
N LEU D 308 -1.65 30.67 -26.03
CA LEU D 308 -1.22 30.72 -27.42
C LEU D 308 -2.41 30.52 -28.33
N ILE D 309 -2.23 30.83 -29.61
CA ILE D 309 -3.31 30.81 -30.58
C ILE D 309 -2.91 29.88 -31.71
N ASP D 310 -3.81 29.69 -32.68
CA ASP D 310 -3.67 28.71 -33.76
C ASP D 310 -2.39 28.83 -34.58
N ILE D 311 -1.62 29.91 -34.40
CA ILE D 311 -0.77 30.49 -35.44
C ILE D 311 -0.02 29.46 -36.27
N VAL D 312 0.71 28.55 -35.63
CA VAL D 312 1.54 27.59 -36.34
C VAL D 312 1.45 26.23 -35.67
N LYS D 313 1.27 25.21 -36.49
CA LYS D 313 1.37 23.82 -36.03
C LYS D 313 1.94 22.98 -37.15
N GLN D 314 2.75 21.99 -36.77
CA GLN D 314 3.54 21.22 -37.73
C GLN D 314 2.66 20.25 -38.51
N GLY D 315 1.81 19.50 -37.82
CA GLY D 315 1.03 18.46 -38.47
C GLY D 315 -0.40 18.84 -38.76
N SER D 316 -0.87 18.53 -39.96
CA SER D 316 -2.26 18.70 -40.40
C SER D 316 -2.70 20.16 -40.42
N GLY D 317 -1.76 21.11 -40.40
CA GLY D 317 -2.11 22.50 -40.50
C GLY D 317 -2.05 23.26 -39.18
N THR D 318 -2.25 24.57 -39.25
CA THR D 318 -2.24 25.39 -38.05
C THR D 318 -3.48 25.10 -37.20
N THR D 319 -3.25 24.75 -35.94
CA THR D 319 -4.31 24.27 -35.06
C THR D 319 -3.94 24.56 -33.61
N ASN D 320 -4.81 24.07 -32.72
CA ASN D 320 -4.69 24.29 -31.29
C ASN D 320 -5.09 23.01 -30.58
N ASP D 321 -4.79 22.91 -29.30
CA ASP D 321 -5.31 21.81 -28.51
C ASP D 321 -6.63 22.20 -27.87
N GLY D 322 -7.43 21.18 -27.56
CA GLY D 322 -8.69 21.43 -26.89
C GLY D 322 -8.56 22.02 -25.50
N ASN D 323 -7.44 21.77 -24.83
CA ASN D 323 -7.23 22.33 -23.50
C ASN D 323 -7.10 23.85 -23.54
N THR D 324 -6.82 24.41 -24.73
CA THR D 324 -6.89 25.85 -24.91
C THR D 324 -8.23 26.27 -25.50
N ALA D 325 -8.79 25.43 -26.39
CA ALA D 325 -10.07 25.75 -27.00
C ALA D 325 -11.19 25.83 -25.98
N ARG D 326 -11.07 25.10 -24.86
CA ARG D 326 -12.10 25.22 -23.83
C ARG D 326 -12.07 26.59 -23.17
N ARG D 327 -10.89 27.11 -22.87
CA ARG D 327 -10.79 28.48 -22.39
C ARG D 327 -11.13 29.48 -23.48
N PHE D 328 -11.05 29.08 -24.76
CA PHE D 328 -11.54 29.93 -25.83
C PHE D 328 -13.03 30.17 -25.68
N PHE D 329 -13.76 29.15 -25.24
CA PHE D 329 -15.21 29.23 -25.07
C PHE D 329 -15.63 29.42 -23.63
N GLU D 330 -14.68 29.47 -22.69
CA GLU D 330 -15.06 29.62 -21.28
C GLU D 330 -15.79 30.93 -21.05
N PHE D 331 -15.18 32.04 -21.45
CA PHE D 331 -15.81 33.34 -21.37
C PHE D 331 -16.05 33.85 -22.77
N PRO D 332 -17.12 33.44 -23.44
CA PRO D 332 -17.33 33.84 -24.83
C PRO D 332 -17.42 35.34 -25.00
N ASP D 333 -17.89 36.02 -23.96
CA ASP D 333 -18.04 37.47 -24.02
C ASP D 333 -16.70 38.16 -24.26
N LYS D 334 -15.70 37.88 -23.43
CA LYS D 334 -14.46 38.64 -23.46
C LYS D 334 -13.66 38.35 -24.73
N THR D 335 -13.56 37.08 -25.12
CA THR D 335 -12.88 36.76 -26.36
C THR D 335 -13.54 37.41 -27.55
N ALA D 336 -14.86 37.53 -27.55
CA ALA D 336 -15.54 38.16 -28.67
C ALA D 336 -15.33 39.66 -28.66
N ALA D 337 -15.34 40.28 -27.48
CA ALA D 337 -15.09 41.71 -27.37
C ALA D 337 -13.67 42.07 -27.76
N ILE D 338 -12.72 41.17 -27.54
CA ILE D 338 -11.34 41.47 -27.88
C ILE D 338 -11.04 41.11 -29.34
N THR D 339 -11.59 40.02 -29.84
CA THR D 339 -11.30 39.57 -31.18
C THR D 339 -12.01 40.37 -32.26
N GLY D 340 -13.07 41.09 -31.90
CA GLY D 340 -13.86 41.82 -32.87
C GLY D 340 -15.03 41.06 -33.46
N LEU D 341 -15.50 40.01 -32.79
CA LEU D 341 -16.64 39.25 -33.26
C LEU D 341 -17.83 39.44 -32.32
N ASP D 342 -19.02 39.06 -32.80
CA ASP D 342 -20.23 39.22 -32.02
C ASP D 342 -20.17 38.41 -30.74
N GLU D 343 -20.60 39.02 -29.64
CA GLU D 343 -20.67 38.28 -28.38
C GLU D 343 -21.64 37.12 -28.50
N ASP D 344 -22.87 37.40 -28.93
CA ASP D 344 -23.92 36.39 -28.81
C ASP D 344 -23.68 35.20 -29.72
N LEU D 345 -23.02 35.38 -30.85
CA LEU D 345 -22.72 34.23 -31.69
C LEU D 345 -21.78 33.27 -30.98
N ILE D 346 -20.71 33.78 -30.39
CA ILE D 346 -19.80 32.93 -29.65
C ILE D 346 -20.46 32.37 -28.41
N ARG D 347 -21.33 33.16 -27.78
CA ARG D 347 -22.08 32.64 -26.64
C ARG D 347 -22.94 31.45 -27.05
N ARG D 348 -23.63 31.55 -28.18
CA ARG D 348 -24.50 30.47 -28.59
C ARG D 348 -23.70 29.27 -29.09
N PHE D 349 -22.52 29.51 -29.66
CA PHE D 349 -21.67 28.38 -30.01
C PHE D 349 -21.12 27.68 -28.77
N SER D 350 -20.66 28.43 -27.78
CA SER D 350 -20.24 27.86 -26.52
C SER D 350 -21.38 27.19 -25.78
N VAL D 351 -22.62 27.55 -26.07
CA VAL D 351 -23.77 26.85 -25.53
C VAL D 351 -24.04 25.55 -26.27
N ILE D 352 -24.06 25.58 -27.59
CA ILE D 352 -24.33 24.36 -28.33
C ILE D 352 -23.24 23.32 -28.09
N LEU D 353 -21.98 23.72 -28.02
CA LEU D 353 -20.95 22.74 -27.73
C LEU D 353 -20.97 22.28 -26.29
N GLN D 354 -21.17 23.17 -25.33
CA GLN D 354 -21.27 22.77 -23.93
C GLN D 354 -22.51 21.95 -23.65
N ALA D 355 -23.44 21.88 -24.60
CA ALA D 355 -24.51 20.91 -24.48
C ALA D 355 -24.13 19.57 -25.11
N ILE D 356 -23.26 19.58 -26.11
CA ILE D 356 -22.80 18.32 -26.72
C ILE D 356 -21.96 17.54 -25.73
N THR D 357 -20.94 18.18 -25.17
CA THR D 357 -19.99 17.50 -24.30
C THR D 357 -20.33 17.67 -22.83
N SER D 358 -21.57 18.03 -22.51
CA SER D 358 -21.92 18.22 -21.11
C SER D 358 -21.93 16.90 -20.36
N GLY D 359 -22.25 15.81 -21.06
CA GLY D 359 -22.41 14.53 -20.45
C GLY D 359 -23.83 14.19 -20.04
N GLU D 360 -24.76 15.12 -20.17
CA GLU D 360 -26.16 14.90 -19.84
C GLU D 360 -26.94 14.66 -21.11
N ILE D 361 -28.03 13.93 -20.97
CA ILE D 361 -28.83 13.50 -22.12
C ILE D 361 -29.38 14.74 -22.83
N ILE D 362 -29.41 14.69 -24.16
CA ILE D 362 -29.71 15.85 -24.96
C ILE D 362 -31.18 15.81 -25.38
N ASP D 363 -31.91 16.86 -25.06
CA ASP D 363 -33.29 16.98 -25.50
C ASP D 363 -33.29 17.37 -26.97
N VAL D 364 -33.45 16.39 -27.84
CA VAL D 364 -33.20 16.56 -29.27
C VAL D 364 -34.12 17.59 -29.90
N PRO D 365 -35.43 17.57 -29.67
CA PRO D 365 -36.28 18.58 -30.32
C PRO D 365 -35.89 20.00 -29.97
N LYS D 366 -35.54 20.27 -28.71
CA LYS D 366 -35.11 21.61 -28.34
C LYS D 366 -33.78 21.96 -28.98
N PHE D 367 -32.86 21.00 -29.03
CA PHE D 367 -31.55 21.25 -29.61
C PHE D 367 -31.63 21.51 -31.10
N LYS D 368 -32.55 20.85 -31.81
CA LYS D 368 -32.69 21.13 -33.23
C LYS D 368 -33.01 22.60 -33.47
N GLU D 369 -33.97 23.15 -32.72
CA GLU D 369 -34.34 24.54 -32.91
C GLU D 369 -33.26 25.48 -32.41
N TYR D 370 -32.53 25.12 -31.35
CA TYR D 370 -31.43 25.99 -30.95
C TYR D 370 -30.34 26.03 -32.00
N ALA D 371 -30.01 24.88 -32.60
CA ALA D 371 -29.03 24.86 -33.67
C ALA D 371 -29.50 25.65 -34.88
N ARG D 372 -30.78 25.54 -35.22
CA ARG D 372 -31.32 26.35 -36.31
C ARG D 372 -31.18 27.83 -36.01
N THR D 373 -31.53 28.26 -34.80
CA THR D 373 -31.43 29.67 -34.43
C THR D 373 -29.98 30.12 -34.48
N THR D 374 -29.04 29.27 -34.08
CA THR D 374 -27.64 29.64 -34.18
C THR D 374 -27.16 29.75 -35.62
N ALA D 375 -27.55 28.80 -36.48
CA ALA D 375 -27.19 28.89 -37.88
C ALA D 375 -27.73 30.18 -38.51
N GLU D 376 -28.95 30.56 -38.11
CA GLU D 376 -29.49 31.83 -38.60
C GLU D 376 -28.70 33.01 -38.07
N LYS D 377 -28.60 33.16 -36.75
CA LYS D 377 -27.84 34.27 -36.19
C LYS D 377 -26.42 34.34 -36.75
N TYR D 378 -25.92 33.23 -37.29
CA TYR D 378 -24.60 33.23 -37.91
C TYR D 378 -24.64 33.71 -39.36
N VAL D 379 -25.50 33.11 -40.19
CA VAL D 379 -25.44 33.41 -41.62
C VAL D 379 -26.22 34.67 -41.99
N GLU D 380 -27.33 34.97 -41.31
CA GLU D 380 -27.97 36.27 -41.46
C GLU D 380 -27.09 37.42 -41.04
N LEU D 381 -26.09 37.16 -40.20
CA LEU D 381 -25.15 38.19 -39.77
C LEU D 381 -23.83 38.11 -40.53
N TYR D 382 -23.37 36.91 -40.85
CA TYR D 382 -22.08 36.71 -41.52
C TYR D 382 -22.34 36.00 -42.83
N ASP D 383 -22.29 36.76 -43.93
CA ASP D 383 -22.39 36.17 -45.25
C ASP D 383 -21.06 36.18 -45.98
N TRP D 384 -20.22 37.19 -45.72
CA TRP D 384 -18.94 37.29 -46.40
C TRP D 384 -18.05 36.10 -46.12
N TYR D 385 -18.26 35.44 -44.99
CA TYR D 385 -17.61 34.15 -44.75
C TYR D 385 -18.62 33.04 -45.01
N TYR D 386 -18.25 32.09 -45.84
CA TYR D 386 -19.14 30.97 -46.14
C TYR D 386 -18.88 29.82 -45.17
N MET D 387 -19.92 29.01 -44.98
CA MET D 387 -19.90 27.99 -43.95
C MET D 387 -19.01 26.83 -44.35
N SER D 388 -17.96 26.57 -43.58
CA SER D 388 -17.14 25.41 -43.82
C SER D 388 -17.91 24.15 -43.45
N SER D 389 -17.48 23.02 -44.02
CA SER D 389 -18.25 21.80 -43.89
C SER D 389 -18.39 21.35 -42.44
N THR D 390 -17.45 21.72 -41.59
CA THR D 390 -17.51 21.34 -40.18
C THR D 390 -18.56 22.15 -39.44
N VAL D 391 -18.52 23.47 -39.59
CA VAL D 391 -19.58 24.31 -39.02
C VAL D 391 -20.90 24.10 -39.74
N HIS D 392 -20.87 23.75 -41.03
CA HIS D 392 -22.10 23.39 -41.71
C HIS D 392 -22.74 22.19 -41.07
N LYS D 393 -21.92 21.21 -40.67
CA LYS D 393 -22.44 19.94 -40.22
C LYS D 393 -22.82 19.94 -38.74
N LEU D 394 -22.08 20.68 -37.92
CA LEU D 394 -22.43 20.71 -36.49
C LEU D 394 -23.80 21.32 -36.27
N LEU D 395 -24.15 22.34 -37.06
CA LEU D 395 -25.38 23.09 -36.83
C LEU D 395 -26.54 22.60 -37.67
N ILE D 396 -26.32 22.36 -38.95
CA ILE D 396 -27.43 22.02 -39.84
C ILE D 396 -27.81 20.56 -39.69
N HIS D 397 -26.83 19.69 -39.51
CA HIS D 397 -27.08 18.27 -39.45
C HIS D 397 -26.67 17.64 -38.12
N GLY D 398 -25.92 18.37 -37.29
CA GLY D 398 -25.46 17.80 -36.04
C GLY D 398 -26.56 17.36 -35.10
N GLY D 399 -27.73 18.02 -35.15
CA GLY D 399 -28.79 17.67 -34.24
C GLY D 399 -29.45 16.35 -34.60
N ASP D 400 -29.32 15.93 -35.86
CA ASP D 400 -29.98 14.70 -36.29
C ASP D 400 -29.27 13.48 -35.73
N ILE D 401 -27.96 13.58 -35.48
CA ILE D 401 -27.20 12.40 -35.07
C ILE D 401 -27.66 11.91 -33.72
N ILE D 402 -27.79 12.82 -32.75
CA ILE D 402 -28.15 12.44 -31.40
C ILE D 402 -29.49 11.74 -31.36
N ALA D 403 -30.34 11.99 -32.36
CA ALA D 403 -31.62 11.32 -32.42
C ALA D 403 -31.54 10.00 -33.17
N GLU D 404 -30.84 10.00 -34.31
CA GLU D 404 -30.82 8.80 -35.15
C GLU D 404 -30.06 7.67 -34.50
N ASN D 405 -29.03 7.99 -33.71
CA ASN D 405 -28.27 6.94 -33.07
C ASN D 405 -28.63 6.82 -31.59
N ALA D 406 -29.42 7.76 -31.07
CA ALA D 406 -29.88 7.74 -29.69
C ALA D 406 -28.70 7.58 -28.74
N ILE D 407 -27.60 8.25 -29.04
CA ILE D 407 -26.34 8.03 -28.35
C ILE D 407 -26.46 8.58 -26.94
N VAL D 408 -25.81 7.90 -26.01
CA VAL D 408 -25.42 8.56 -24.76
C VAL D 408 -24.61 9.81 -25.13
N PRO D 409 -24.73 10.90 -24.40
CA PRO D 409 -23.88 12.07 -24.68
C PRO D 409 -22.40 11.68 -24.70
N ILE D 410 -21.63 12.49 -25.41
CA ILE D 410 -20.24 12.20 -25.74
C ILE D 410 -19.41 11.91 -24.50
N GLY D 411 -19.97 12.18 -23.33
CA GLY D 411 -19.34 11.79 -22.09
C GLY D 411 -18.85 10.36 -22.02
N SER D 412 -17.72 10.18 -21.33
CA SER D 412 -17.14 8.88 -21.04
C SER D 412 -16.92 8.86 -19.54
N LEU D 413 -16.36 7.75 -19.05
CA LEU D 413 -16.23 7.52 -17.62
C LEU D 413 -15.86 8.81 -16.89
N SER D 414 -16.51 9.02 -15.75
CA SER D 414 -16.38 10.27 -15.02
C SER D 414 -14.93 10.50 -14.60
N GLU D 415 -14.66 11.71 -14.13
CA GLU D 415 -13.35 11.97 -13.54
C GLU D 415 -13.11 11.01 -12.38
N GLU D 416 -14.02 11.00 -11.41
CA GLU D 416 -13.86 10.07 -10.30
C GLU D 416 -13.93 8.62 -10.77
N ALA D 417 -14.73 8.35 -11.79
CA ALA D 417 -14.86 6.98 -12.25
C ALA D 417 -13.59 6.50 -12.93
N SER D 418 -13.02 7.31 -13.82
CA SER D 418 -11.79 6.89 -14.46
C SER D 418 -10.65 6.81 -13.44
N GLU D 419 -10.67 7.69 -12.43
CA GLU D 419 -9.70 7.56 -11.36
C GLU D 419 -9.87 6.22 -10.64
N ALA D 420 -11.11 5.82 -10.40
CA ALA D 420 -11.34 4.53 -9.77
C ALA D 420 -10.82 3.39 -10.63
N ARG D 421 -11.08 3.42 -11.94
CA ARG D 421 -10.57 2.35 -12.78
C ARG D 421 -9.05 2.29 -12.76
N ASN D 422 -8.39 3.43 -12.89
CA ASN D 422 -6.94 3.40 -12.93
C ASN D 422 -6.35 2.98 -11.58
N LYS D 423 -6.93 3.48 -10.49
CA LYS D 423 -6.47 3.08 -9.16
C LYS D 423 -6.67 1.59 -8.94
N ASP D 424 -7.77 1.03 -9.42
CA ASP D 424 -7.99 -0.38 -9.23
C ASP D 424 -7.12 -1.22 -10.16
N PHE D 425 -6.77 -0.72 -11.33
CA PHE D 425 -5.75 -1.42 -12.10
C PHE D 425 -4.45 -1.49 -11.34
N ARG D 426 -3.99 -0.35 -10.82
CA ARG D 426 -2.79 -0.37 -10.01
C ARG D 426 -2.91 -1.34 -8.85
N ARG D 427 -4.05 -1.39 -8.19
CA ARG D 427 -4.21 -2.28 -7.06
C ARG D 427 -4.15 -3.74 -7.49
N PHE D 428 -4.91 -4.13 -8.51
CA PHE D 428 -4.86 -5.50 -9.01
C PHE D 428 -3.48 -5.89 -9.47
N ARG D 429 -2.67 -4.94 -9.94
CA ARG D 429 -1.33 -5.30 -10.36
C ARG D 429 -0.38 -5.47 -9.18
N GLU D 430 -0.49 -4.61 -8.18
CA GLU D 430 0.48 -4.63 -7.09
C GLU D 430 0.15 -5.67 -6.04
N HIS D 431 -1.06 -5.65 -5.52
CA HIS D 431 -1.41 -6.45 -4.37
C HIS D 431 -2.15 -7.73 -4.69
N HIS D 432 -2.74 -7.86 -5.87
CA HIS D 432 -3.61 -9.00 -6.12
C HIS D 432 -3.23 -9.73 -7.40
N SER D 433 -1.96 -9.69 -7.77
CA SER D 433 -1.48 -10.48 -8.89
C SER D 433 -0.40 -11.43 -8.42
N ARG D 434 -0.26 -12.56 -9.09
CA ARG D 434 0.74 -13.54 -8.70
C ARG D 434 2.06 -13.23 -9.38
N LYS D 435 3.13 -13.21 -8.61
CA LYS D 435 4.44 -12.84 -9.13
C LYS D 435 5.25 -13.99 -9.73
N LYS D 436 4.61 -15.13 -9.93
CA LYS D 436 5.32 -16.29 -10.46
C LYS D 436 5.95 -15.98 -11.81
N SER D 437 5.22 -15.27 -12.66
CA SER D 437 5.73 -14.93 -13.97
C SER D 437 5.02 -13.69 -14.49
N ARG D 438 5.61 -13.02 -15.47
CA ARG D 438 4.99 -11.83 -16.03
C ARG D 438 3.65 -12.14 -16.70
N GLN D 439 3.55 -13.26 -17.41
CA GLN D 439 2.29 -13.57 -18.07
C GLN D 439 1.22 -13.88 -17.07
N ALA D 440 1.55 -14.59 -16.01
CA ALA D 440 0.57 -14.81 -14.95
C ALA D 440 0.14 -13.48 -14.35
N SER D 441 1.03 -12.50 -14.31
CA SER D 441 0.66 -11.23 -13.70
C SER D 441 -0.40 -10.50 -14.51
N ASN D 442 -0.18 -10.33 -15.81
CA ASN D 442 -1.21 -9.74 -16.62
C ASN D 442 -2.46 -10.60 -16.68
N GLU D 443 -2.30 -11.92 -16.62
CA GLU D 443 -3.47 -12.77 -16.56
C GLU D 443 -4.32 -12.46 -15.34
N ASP D 444 -3.68 -12.28 -14.18
CA ASP D 444 -4.44 -11.91 -12.99
C ASP D 444 -5.11 -10.57 -13.18
N ILE D 445 -4.36 -9.58 -13.65
CA ILE D 445 -4.94 -8.25 -13.78
C ILE D 445 -6.15 -8.29 -14.70
N LEU D 446 -6.06 -9.06 -15.78
CA LEU D 446 -7.15 -9.06 -16.74
C LEU D 446 -8.34 -9.86 -16.22
N ASN D 447 -8.09 -11.03 -15.65
CA ASN D 447 -9.22 -11.80 -15.16
C ASN D 447 -9.75 -11.26 -13.83
N MET D 448 -9.17 -10.20 -13.30
CA MET D 448 -9.84 -9.44 -12.26
C MET D 448 -10.56 -8.22 -12.81
N LEU D 449 -10.02 -7.58 -13.83
CA LEU D 449 -10.77 -6.55 -14.53
C LEU D 449 -12.04 -7.10 -15.14
N ILE D 450 -12.08 -8.39 -15.45
CA ILE D 450 -13.30 -8.99 -15.97
C ILE D 450 -14.28 -9.28 -14.86
N ILE D 451 -13.83 -9.92 -13.79
CA ILE D 451 -14.73 -10.18 -12.68
C ILE D 451 -15.32 -8.88 -12.16
N SER D 452 -14.48 -7.94 -11.77
CA SER D 452 -14.91 -6.71 -11.14
C SER D 452 -15.81 -5.86 -12.02
N SER D 453 -16.08 -6.30 -13.25
CA SER D 453 -16.99 -5.60 -14.14
C SER D 453 -18.07 -6.53 -14.67
N ASP D 454 -18.36 -7.61 -13.96
CA ASP D 454 -19.35 -8.55 -14.45
C ASP D 454 -20.76 -8.00 -14.21
N PRO D 455 -21.71 -8.28 -15.10
CA PRO D 455 -23.08 -7.83 -14.86
C PRO D 455 -23.85 -8.69 -13.89
N LEU D 456 -23.24 -9.75 -13.37
CA LEU D 456 -23.90 -10.59 -12.38
C LEU D 456 -23.48 -10.24 -10.97
N ILE D 457 -22.19 -10.02 -10.76
CA ILE D 457 -21.63 -10.01 -9.44
C ILE D 457 -21.94 -8.70 -8.75
N SER D 458 -22.63 -8.78 -7.62
CA SER D 458 -22.90 -7.61 -6.81
C SER D 458 -21.64 -7.25 -6.03
N PHE D 459 -21.11 -6.06 -6.30
CA PHE D 459 -19.78 -5.71 -5.84
C PHE D 459 -19.83 -4.26 -5.39
N THR D 460 -19.74 -4.04 -4.09
CA THR D 460 -20.06 -2.74 -3.52
C THR D 460 -18.83 -1.84 -3.51
N ARG D 461 -19.07 -0.58 -3.20
CA ARG D 461 -18.05 0.45 -3.18
C ARG D 461 -18.35 1.45 -2.06
N PRO D 462 -17.35 2.20 -1.62
CA PRO D 462 -17.59 3.22 -0.60
C PRO D 462 -18.52 4.30 -1.14
N LYS D 463 -19.48 4.71 -0.31
CA LYS D 463 -20.50 5.65 -0.74
C LYS D 463 -19.86 6.97 -1.17
N LEU D 464 -20.26 7.44 -2.34
CA LEU D 464 -19.74 8.71 -2.85
C LEU D 464 -20.45 9.88 -2.22
N ASP D 465 -19.70 10.96 -2.00
CA ASP D 465 -20.29 12.17 -1.46
C ASP D 465 -20.84 13.05 -2.58
N ALA D 466 -21.83 13.88 -2.24
CA ALA D 466 -22.43 14.75 -3.23
C ALA D 466 -21.48 15.88 -3.61
N HIS D 467 -21.43 16.18 -4.90
CA HIS D 467 -20.65 17.29 -5.42
C HIS D 467 -21.59 18.47 -5.65
N LYS D 468 -21.01 19.66 -5.79
CA LYS D 468 -21.77 20.77 -6.35
C LYS D 468 -22.20 20.42 -7.76
N ARG D 469 -23.48 20.63 -8.05
CA ARG D 469 -23.98 20.28 -9.38
C ARG D 469 -23.31 21.18 -10.42
N GLN D 470 -22.79 20.55 -11.46
CA GLN D 470 -21.95 21.26 -12.41
C GLN D 470 -22.74 22.36 -13.11
N THR D 471 -22.19 23.59 -13.09
CA THR D 471 -22.86 24.71 -13.71
C THR D 471 -22.48 24.83 -15.18
N TYR D 472 -23.47 25.15 -16.00
CA TYR D 472 -23.26 25.38 -17.43
C TYR D 472 -23.91 26.70 -17.80
N PHE D 473 -23.76 27.08 -19.07
CA PHE D 473 -24.39 28.29 -19.56
C PHE D 473 -25.90 28.18 -19.46
N LYS D 474 -26.56 29.31 -19.23
CA LYS D 474 -27.96 29.29 -18.85
C LYS D 474 -28.83 28.64 -19.93
N GLU D 475 -28.42 28.75 -21.20
CA GLU D 475 -29.26 28.22 -22.26
C GLU D 475 -29.06 26.72 -22.43
N THR D 476 -28.03 26.15 -21.80
CA THR D 476 -27.79 24.72 -21.93
C THR D 476 -28.76 23.91 -21.10
N VAL D 477 -29.15 24.43 -19.93
CA VAL D 477 -30.05 23.68 -19.05
C VAL D 477 -31.36 23.40 -19.76
N GLU D 478 -31.88 24.39 -20.50
CA GLU D 478 -33.07 24.16 -21.30
C GLU D 478 -32.78 23.17 -22.42
N LEU D 479 -31.52 22.96 -22.73
CA LEU D 479 -31.16 22.02 -23.79
C LEU D 479 -31.09 20.60 -23.27
N LEU D 480 -30.68 20.43 -22.01
CA LEU D 480 -30.47 19.09 -21.47
C LEU D 480 -31.64 18.65 -20.60
N GLN D 481 -31.58 17.38 -20.19
CA GLN D 481 -32.48 16.82 -19.21
C GLN D 481 -31.65 16.30 -18.05
N LEU D 482 -31.72 16.99 -16.91
CA LEU D 482 -30.73 16.82 -15.85
C LEU D 482 -31.11 15.78 -14.82
N GLN D 483 -31.90 14.77 -15.17
CA GLN D 483 -32.10 13.64 -14.28
C GLN D 483 -31.11 12.52 -14.64
N ASP D 484 -29.98 12.50 -13.95
CA ASP D 484 -28.94 11.51 -14.18
C ASP D 484 -28.05 11.44 -12.94
N GLN D 485 -27.13 10.47 -12.94
CA GLN D 485 -26.18 10.28 -11.85
C GLN D 485 -24.77 10.42 -12.42
N GLU D 486 -24.15 11.58 -12.22
CA GLU D 486 -22.84 11.87 -12.78
C GLU D 486 -22.24 13.04 -12.02
N ALA D 487 -20.97 12.90 -11.67
CA ALA D 487 -20.38 13.92 -10.81
C ALA D 487 -18.97 14.30 -11.23
N PRO D 488 -18.79 14.84 -12.43
CA PRO D 488 -17.45 15.23 -12.87
C PRO D 488 -17.12 16.64 -12.42
N THR D 489 -15.83 16.92 -12.28
CA THR D 489 -15.35 18.28 -12.14
C THR D 489 -14.89 18.87 -13.47
N GLU D 490 -14.07 18.14 -14.21
CA GLU D 490 -13.45 18.72 -15.40
C GLU D 490 -14.19 18.31 -16.67
N PHE D 491 -14.59 17.04 -16.77
CA PHE D 491 -15.11 16.52 -18.03
C PHE D 491 -15.98 15.31 -17.72
N HIS D 492 -17.23 15.31 -18.15
CA HIS D 492 -18.14 14.22 -17.80
C HIS D 492 -17.90 12.99 -18.65
MG MG G . 18.43 -1.40 16.91
ZN ZN H . 34.75 -11.70 40.56
K K I . 14.90 -9.02 6.51
MG MG J . -6.82 10.10 -21.87
ZN ZN K . -24.87 19.05 -44.81
K K L . -8.79 13.64 -9.13
#